data_4FJG
#
_entry.id   4FJG
#
_cell.length_a   75.090
_cell.length_b   119.933
_cell.length_c   130.592
_cell.angle_alpha   90.00
_cell.angle_beta   90.00
_cell.angle_gamma   90.00
#
_symmetry.space_group_name_H-M   'P 21 21 21'
#
loop_
_entity.id
_entity.type
_entity.pdbx_description
1 polymer 'DNA polymerase'
2 polymer 'DNA template'
3 polymer 'DNA primer'
4 non-polymer "2'-DEOXYADENOSINE 5'-TRIPHOSPHATE"
5 non-polymer 'CALCIUM ION'
6 water water
#
loop_
_entity_poly.entity_id
_entity_poly.type
_entity_poly.pdbx_seq_one_letter_code
_entity_poly.pdbx_strand_id
1 'polypeptide(L)'
;MKEFYLTVEQIGDSIFERYIDSNGRERTREVEYKPSLFAHCPESQATKYFDIYGKPCTRKLFANMRDASQWIKRMEDIGL
EALGMDDFKLAYLSDTYNYEIKYDHTKIRVANFDIEVTSPDGFPEPSQAKHPIDAITHYDSIDDRFYVFDLLNSPYGNVE
EWSIEIAAKLQEQGGDEVPSEIIDKIIYMPFDNEKELLMEYLNFWQQKTPVILTGWNVESFAIPYVYNRIKNIFGESTAK
RLSPHRKTRVKVIENMYGSREIITLFGISVLDYIDLYKKFSFTNQPSYSLDYISEFELNVGKLKYDGPISKLRESNHQRY
ISYNIIAVYRVLQIDAKRQFINLSLDMGYYAKIQIQSVFSPIKTWDAIIFNSLKEQNKVIPQGRSHPVQPYPGAFVKEPI
PNRYKYVMSFDLTSAYPSIIRQVNISPETIAGTFKVAPLHDYINAVAERPSDVYSCSPNGMMYYKDRDGVVPTEITKVFN
QRKEHKGYMLAAQRNGEIIKEALHNPNLSVDEPLDVDYRFDFSDEIKEKIKKLSAKSLNEMLFRAQRTEVAGMTAQINRK
ALINGLAGALGNVWFRYYDLRNATAITTFGQMALQWIERKVNEYLNEVCGTEGEAFVLYGDTDSIYVSADKIIDKVGESK
FRDTNHWVDFLDKFARERMEPAIDRGFREMCEYMNNKQHLMFMDREAIAGPPLGSKGIGGFWTGKKRYALNVWDMEGTRY
AEPKLKIMGLETQKSSTPKAVQKALKECIRRMLQEGEESLQEYFKEFEKEFRQLNYISIASVSSANNIAKYDVGGFPGPK
CPFHIRGILTYNRAIKGNIDAPQVVEGEKVYVLPLREGNPFGDKCIAWPSGTEITDLIKDDVLHWMDYTVLLEKTFIKPL
EGFTSAAKLDYEKKASLFDMFDF
;
A
2 'polydeoxyribonucleotide' (DC)(DG)(DC)(DG)(DT)(DA)(DA)(DG)(DC)(DA)(DG)(DT)(DC)(DC)(DG)(DC)(DG) T
3 'polydeoxyribonucleotide' (DG)(DC)(DG)(DG)(DA)(DC)(DT)(DG)(DC)(DT)(DT)(DA)(DOC) P
#
loop_
_chem_comp.id
_chem_comp.type
_chem_comp.name
_chem_comp.formula
CA non-polymer 'CALCIUM ION' 'Ca 2'
DA DNA linking 2'-DEOXYADENOSINE-5'-MONOPHOSPHATE 'C10 H14 N5 O6 P'
DC DNA linking 2'-DEOXYCYTIDINE-5'-MONOPHOSPHATE 'C9 H14 N3 O7 P'
DG DNA linking 2'-DEOXYGUANOSINE-5'-MONOPHOSPHATE 'C10 H14 N5 O7 P'
DOC DNA linking 2',3'-DIDEOXYCYTIDINE-5'-MONOPHOSPHATE 'C9 H14 N3 O6 P'
DT DNA linking THYMIDINE-5'-MONOPHOSPHATE 'C10 H15 N2 O8 P'
DTP non-polymer '2'-DEOXYADENOSINE 5'-TRIPHOSPHATE' 'C10 H16 N5 O12 P3'
#
# COMPACT_ATOMS: atom_id res chain seq x y z
N MET A 1 24.01 9.28 -24.29
CA MET A 1 23.37 9.06 -22.96
C MET A 1 24.18 8.10 -22.09
N LYS A 2 24.08 8.27 -20.77
CA LYS A 2 24.72 7.36 -19.83
C LYS A 2 24.02 6.00 -19.88
N GLU A 3 24.78 4.93 -19.78
CA GLU A 3 24.20 3.58 -19.83
C GLU A 3 23.43 3.23 -18.56
N PHE A 4 22.46 2.33 -18.68
CA PHE A 4 21.79 1.76 -17.51
C PHE A 4 21.43 0.29 -17.68
N TYR A 5 21.51 -0.48 -16.59
CA TYR A 5 21.11 -1.88 -16.62
C TYR A 5 19.62 -2.00 -16.79
N LEU A 6 19.19 -3.14 -17.34
CA LEU A 6 17.78 -3.52 -17.36
C LEU A 6 17.55 -4.64 -16.35
N THR A 7 18.35 -5.70 -16.48
CA THR A 7 18.31 -6.82 -15.52
C THR A 7 19.73 -7.27 -15.24
N VAL A 8 19.91 -7.99 -14.13
CA VAL A 8 21.22 -8.59 -13.85
C VAL A 8 20.97 -9.95 -13.18
N GLU A 9 21.79 -10.94 -13.51
CA GLU A 9 21.69 -12.26 -12.89
C GLU A 9 23.07 -12.83 -12.61
N GLN A 10 23.17 -13.65 -11.57
CA GLN A 10 24.36 -14.48 -11.37
C GLN A 10 24.04 -15.90 -11.78
N ILE A 11 24.82 -16.43 -12.73
CA ILE A 11 24.64 -17.80 -13.18
C ILE A 11 26.00 -18.46 -13.12
N GLY A 12 26.24 -19.19 -12.03
CA GLY A 12 27.53 -19.80 -11.79
C GLY A 12 28.59 -18.72 -11.61
N ASP A 13 29.64 -18.80 -12.42
CA ASP A 13 30.74 -17.83 -12.34
C ASP A 13 30.58 -16.66 -13.28
N SER A 14 29.38 -16.49 -13.83
CA SER A 14 29.14 -15.43 -14.79
C SER A 14 28.05 -14.49 -14.29
N ILE A 15 28.21 -13.21 -14.63
CA ILE A 15 27.13 -12.26 -14.49
C ILE A 15 26.50 -12.12 -15.86
N PHE A 16 25.17 -12.23 -15.91
CA PHE A 16 24.42 -11.98 -17.12
C PHE A 16 23.64 -10.68 -16.98
N GLU A 17 23.91 -9.75 -17.88
CA GLU A 17 23.34 -8.42 -17.79
C GLU A 17 22.72 -8.04 -19.12
N ARG A 18 21.47 -7.62 -19.04
CA ARG A 18 20.83 -6.97 -20.16
C ARG A 18 20.91 -5.49 -19.81
N TYR A 19 21.20 -4.63 -20.79
CA TYR A 19 21.37 -3.22 -20.49
C TYR A 19 21.04 -2.34 -21.69
N ILE A 20 20.92 -1.04 -21.44
CA ILE A 20 20.79 -0.06 -22.52
C ILE A 20 22.16 0.60 -22.69
N ASP A 21 22.70 0.51 -23.89
CA ASP A 21 24.03 1.03 -24.13
C ASP A 21 24.02 2.54 -24.43
N SER A 22 25.21 3.11 -24.64
CA SER A 22 25.36 4.57 -24.78
C SER A 22 24.62 5.15 -25.99
N ASN A 23 24.08 4.27 -26.83
CA ASN A 23 23.30 4.68 -28.00
C ASN A 23 21.81 4.40 -27.85
N GLY A 24 21.40 3.99 -26.66
CA GLY A 24 20.00 3.73 -26.35
C GLY A 24 19.51 2.43 -26.96
N ARG A 25 20.45 1.53 -27.20
CA ARG A 25 20.15 0.20 -27.74
C ARG A 25 20.21 -0.82 -26.62
N GLU A 26 19.29 -1.79 -26.69
CA GLU A 26 19.33 -2.94 -25.79
C GLU A 26 20.40 -3.95 -26.19
N ARG A 27 21.19 -4.39 -25.20
CA ARG A 27 22.29 -5.32 -25.40
C ARG A 27 22.28 -6.36 -24.29
N THR A 28 22.94 -7.49 -24.51
CA THR A 28 23.14 -8.45 -23.45
C THR A 28 24.62 -8.79 -23.40
N ARG A 29 25.12 -9.04 -22.20
CA ARG A 29 26.51 -9.49 -22.05
C ARG A 29 26.63 -10.49 -20.92
N GLU A 30 27.62 -11.36 -21.06
CA GLU A 30 28.05 -12.27 -20.01
C GLU A 30 29.44 -11.84 -19.58
N VAL A 31 29.63 -11.69 -18.27
CA VAL A 31 30.83 -11.08 -17.71
C VAL A 31 31.31 -11.95 -16.55
N GLU A 32 32.57 -12.39 -16.63
CA GLU A 32 33.16 -13.25 -15.60
C GLU A 32 33.73 -12.38 -14.48
N TYR A 33 32.81 -11.75 -13.76
CA TYR A 33 33.09 -10.79 -12.73
C TYR A 33 33.86 -11.42 -11.56
N LYS A 34 34.97 -10.80 -11.20
CA LYS A 34 35.77 -11.26 -10.07
C LYS A 34 35.42 -10.40 -8.85
N PRO A 35 34.71 -10.99 -7.86
CA PRO A 35 34.26 -10.15 -6.76
C PRO A 35 35.37 -9.94 -5.74
N SER A 36 35.21 -8.93 -4.90
CA SER A 36 36.08 -8.73 -3.74
C SER A 36 35.30 -8.91 -2.46
N LEU A 37 35.95 -9.50 -1.47
CA LEU A 37 35.44 -9.49 -0.11
C LEU A 37 36.61 -9.10 0.82
N PHE A 38 36.35 -9.03 2.12
CA PHE A 38 37.27 -8.36 3.04
C PHE A 38 37.41 -9.12 4.34
N ALA A 39 38.61 -9.04 4.91
CA ALA A 39 38.89 -9.53 6.24
C ALA A 39 39.60 -8.46 7.06
N HIS A 40 39.42 -8.49 8.38
CA HIS A 40 40.15 -7.60 9.24
C HIS A 40 41.63 -7.87 9.09
N CYS A 41 42.45 -6.81 9.17
CA CYS A 41 43.90 -6.98 9.10
C CYS A 41 44.57 -6.22 10.22
N PRO A 42 45.88 -6.47 10.46
CA PRO A 42 46.53 -5.74 11.55
C PRO A 42 46.74 -4.26 11.19
N GLU A 43 46.86 -3.40 12.20
CA GLU A 43 47.02 -1.97 11.98
C GLU A 43 48.33 -1.64 11.26
N SER A 44 49.38 -2.43 11.53
CA SER A 44 50.67 -2.30 10.87
C SER A 44 50.57 -2.53 9.35
N GLN A 45 49.42 -3.01 8.90
CA GLN A 45 49.20 -3.30 7.48
C GLN A 45 48.46 -2.15 6.80
N ALA A 46 49.17 -1.46 5.92
CA ALA A 46 48.66 -0.26 5.24
C ALA A 46 47.48 -0.57 4.32
N THR A 47 46.39 0.17 4.50
CA THR A 47 45.21 -0.02 3.66
C THR A 47 44.41 1.26 3.43
N LYS A 48 43.56 1.26 2.40
CA LYS A 48 42.56 2.31 2.23
C LYS A 48 41.14 1.81 2.57
N TYR A 49 41.01 0.54 2.96
CA TYR A 49 39.70 -0.05 3.28
C TYR A 49 39.50 -0.22 4.79
N PHE A 50 38.40 0.33 5.28
CA PHE A 50 38.08 0.30 6.69
C PHE A 50 36.65 -0.17 6.92
N ASP A 51 36.43 -0.94 7.98
CA ASP A 51 35.05 -1.30 8.32
C ASP A 51 34.29 -0.07 8.89
N ILE A 52 33.00 -0.21 9.18
CA ILE A 52 32.21 0.98 9.54
C ILE A 52 32.57 1.58 10.91
N TYR A 53 33.28 0.78 11.72
CA TYR A 53 33.83 1.18 13.02
C TYR A 53 35.27 1.71 12.93
N GLY A 54 35.82 1.78 11.73
CA GLY A 54 37.16 2.31 11.53
C GLY A 54 38.30 1.31 11.72
N LYS A 55 37.98 0.02 11.87
CA LYS A 55 39.03 -1.01 11.88
C LYS A 55 39.49 -1.36 10.46
N PRO A 56 40.82 -1.50 10.26
CA PRO A 56 41.42 -1.72 8.93
C PRO A 56 41.08 -3.09 8.34
N CYS A 57 40.93 -3.13 7.01
CA CYS A 57 40.59 -4.36 6.29
C CYS A 57 41.48 -4.56 5.08
N THR A 58 41.79 -5.81 4.79
CA THR A 58 42.45 -6.17 3.54
C THR A 58 41.38 -6.64 2.54
N ARG A 59 41.57 -6.24 1.28
CA ARG A 59 40.68 -6.65 0.20
C ARG A 59 41.16 -7.97 -0.38
N LYS A 60 40.22 -8.90 -0.55
CA LYS A 60 40.51 -10.20 -1.12
C LYS A 60 39.82 -10.35 -2.47
N LEU A 61 40.63 -10.46 -3.51
CA LEU A 61 40.10 -10.54 -4.87
C LEU A 61 40.05 -12.00 -5.26
N PHE A 62 38.88 -12.45 -5.69
CA PHE A 62 38.70 -13.86 -6.00
C PHE A 62 38.74 -14.18 -7.50
N ALA A 63 39.27 -15.36 -7.85
CA ALA A 63 39.30 -15.79 -9.24
C ALA A 63 37.88 -15.86 -9.86
N ASN A 64 36.87 -16.11 -9.03
CA ASN A 64 35.47 -16.23 -9.50
C ASN A 64 34.54 -16.13 -8.31
N MET A 65 33.23 -16.04 -8.57
CA MET A 65 32.25 -15.85 -7.48
C MET A 65 32.04 -17.06 -6.58
N ARG A 66 32.10 -18.26 -7.16
CA ARG A 66 32.02 -19.48 -6.35
C ARG A 66 33.20 -19.56 -5.36
N ASP A 67 34.39 -19.15 -5.80
CA ASP A 67 35.54 -19.09 -4.91
C ASP A 67 35.21 -18.22 -3.70
N ALA A 68 34.68 -17.02 -3.97
CA ALA A 68 34.25 -16.08 -2.94
C ALA A 68 33.22 -16.68 -1.97
N SER A 69 32.22 -17.37 -2.51
CA SER A 69 31.21 -18.03 -1.69
C SER A 69 31.83 -19.14 -0.84
N GLN A 70 32.74 -19.91 -1.43
CA GLN A 70 33.45 -20.94 -0.66
C GLN A 70 34.28 -20.33 0.47
N TRP A 71 34.90 -19.19 0.22
CA TRP A 71 35.68 -18.50 1.25
C TRP A 71 34.82 -18.08 2.41
N ILE A 72 33.65 -17.51 2.10
CA ILE A 72 32.69 -17.13 3.14
C ILE A 72 32.44 -18.30 4.06
N LYS A 73 32.10 -19.46 3.48
CA LYS A 73 31.81 -20.67 4.29
C LYS A 73 32.99 -21.10 5.17
N ARG A 74 34.20 -21.06 4.61
CA ARG A 74 35.39 -21.38 5.39
C ARG A 74 35.66 -20.40 6.53
N MET A 75 35.39 -19.12 6.30
CA MET A 75 35.50 -18.10 7.34
C MET A 75 34.55 -18.40 8.52
N GLU A 76 33.34 -18.82 8.20
CA GLU A 76 32.42 -19.34 9.20
C GLU A 76 32.98 -20.58 9.93
N ASP A 77 33.58 -21.51 9.19
CA ASP A 77 34.19 -22.70 9.79
C ASP A 77 35.33 -22.36 10.74
N ILE A 78 36.13 -21.36 10.37
CA ILE A 78 37.21 -20.86 11.24
C ILE A 78 36.64 -20.03 12.41
N GLY A 79 35.57 -19.28 12.15
CA GLY A 79 34.94 -18.43 13.16
C GLY A 79 35.30 -16.95 13.03
N LEU A 80 35.42 -16.49 11.79
CA LEU A 80 35.88 -15.13 11.52
C LEU A 80 34.95 -14.42 10.56
N GLU A 81 34.72 -13.14 10.82
CA GLU A 81 33.81 -12.35 10.00
C GLU A 81 34.34 -12.25 8.58
N ALA A 82 33.47 -12.55 7.61
CA ALA A 82 33.75 -12.33 6.20
C ALA A 82 32.97 -11.11 5.76
N LEU A 83 33.69 -10.00 5.57
CA LEU A 83 33.06 -8.70 5.31
C LEU A 83 32.88 -8.47 3.80
N GLY A 84 31.91 -7.63 3.45
CA GLY A 84 31.68 -7.24 2.06
C GLY A 84 30.30 -7.62 1.55
N MET A 85 29.95 -7.09 0.39
CA MET A 85 28.68 -7.41 -0.26
C MET A 85 28.75 -8.83 -0.81
N ASP A 86 28.06 -9.74 -0.12
CA ASP A 86 28.04 -11.17 -0.43
C ASP A 86 27.02 -11.47 -1.55
N ASP A 87 26.15 -10.51 -1.86
CA ASP A 87 25.29 -10.62 -3.04
C ASP A 87 26.00 -10.01 -4.25
N PHE A 88 26.73 -10.84 -5.00
CA PHE A 88 27.70 -10.35 -5.97
C PHE A 88 27.12 -9.51 -7.10
N LYS A 89 25.90 -9.82 -7.54
CA LYS A 89 25.27 -8.99 -8.56
C LYS A 89 25.07 -7.53 -8.11
N LEU A 90 24.85 -7.35 -6.80
CA LEU A 90 24.79 -6.00 -6.23
C LEU A 90 26.15 -5.30 -6.32
N ALA A 91 27.24 -6.01 -6.00
CA ALA A 91 28.58 -5.45 -6.18
C ALA A 91 28.88 -5.15 -7.65
N TYR A 92 28.40 -6.01 -8.55
CA TYR A 92 28.64 -5.83 -10.00
C TYR A 92 27.97 -4.54 -10.48
N LEU A 93 26.72 -4.34 -10.10
CA LEU A 93 26.00 -3.11 -10.44
C LEU A 93 26.69 -1.88 -9.85
N SER A 94 27.15 -2.01 -8.60
CA SER A 94 27.88 -0.93 -7.96
C SER A 94 29.17 -0.53 -8.69
N ASP A 95 29.93 -1.52 -9.18
CA ASP A 95 31.14 -1.25 -9.97
C ASP A 95 30.84 -0.76 -11.38
N THR A 96 29.74 -1.23 -11.95
CA THR A 96 29.48 -0.99 -13.38
C THR A 96 28.70 0.30 -13.56
N TYR A 97 27.91 0.64 -12.54
CA TYR A 97 27.13 1.90 -12.54
C TYR A 97 27.48 2.77 -11.35
N ASN A 98 28.71 3.27 -11.36
CA ASN A 98 29.25 4.06 -10.25
C ASN A 98 28.91 5.55 -10.42
N TYR A 99 27.62 5.84 -10.53
CA TYR A 99 27.09 7.18 -10.65
C TYR A 99 25.59 7.11 -10.43
N GLU A 100 24.96 8.26 -10.22
CA GLU A 100 23.51 8.32 -10.11
C GLU A 100 22.93 7.96 -11.46
N ILE A 101 22.15 6.87 -11.48
CA ILE A 101 21.57 6.34 -12.71
C ILE A 101 20.46 7.23 -13.25
N LYS A 102 20.62 7.62 -14.51
CA LYS A 102 19.54 8.24 -15.25
C LYS A 102 19.04 7.18 -16.21
N TYR A 103 17.77 6.80 -16.08
CA TYR A 103 17.16 5.78 -16.92
C TYR A 103 16.14 6.43 -17.87
N ASP A 104 15.93 5.84 -19.03
CA ASP A 104 14.93 6.32 -19.98
C ASP A 104 13.87 5.24 -20.10
N HIS A 105 12.73 5.45 -19.46
CA HIS A 105 11.66 4.45 -19.42
C HIS A 105 11.19 4.00 -20.79
N THR A 106 11.30 4.88 -21.78
CA THR A 106 10.84 4.57 -23.15
C THR A 106 11.69 3.49 -23.83
N LYS A 107 12.88 3.20 -23.27
CA LYS A 107 13.77 2.16 -23.79
C LYS A 107 13.60 0.83 -23.06
N ILE A 108 12.78 0.84 -22.01
CA ILE A 108 12.55 -0.35 -21.19
C ILE A 108 11.30 -1.07 -21.67
N ARG A 109 11.47 -2.33 -22.07
CA ARG A 109 10.35 -3.11 -22.56
C ARG A 109 9.48 -3.60 -21.42
N VAL A 110 8.28 -3.04 -21.33
CA VAL A 110 7.35 -3.41 -20.29
C VAL A 110 6.21 -4.21 -20.90
N ALA A 111 6.13 -5.49 -20.51
CA ALA A 111 5.11 -6.38 -21.04
C ALA A 111 4.03 -6.71 -20.01
N ASN A 112 2.79 -6.53 -20.45
CA ASN A 112 1.60 -6.78 -19.67
C ASN A 112 0.84 -7.88 -20.41
N PHE A 113 0.66 -9.03 -19.76
CA PHE A 113 -0.05 -10.13 -20.43
C PHE A 113 -1.10 -10.82 -19.58
N ASP A 114 -2.02 -11.49 -20.28
CA ASP A 114 -3.06 -12.30 -19.65
C ASP A 114 -3.35 -13.51 -20.54
N ILE A 115 -3.57 -14.67 -19.91
CA ILE A 115 -3.87 -15.90 -20.64
C ILE A 115 -5.28 -16.40 -20.31
N GLU A 116 -5.88 -17.16 -21.23
CA GLU A 116 -7.15 -17.84 -20.95
C GLU A 116 -6.96 -19.34 -21.12
N VAL A 117 -7.59 -20.12 -20.25
CA VAL A 117 -7.52 -21.57 -20.28
C VAL A 117 -8.89 -22.12 -19.95
N THR A 118 -9.54 -22.76 -20.93
CA THR A 118 -10.82 -23.44 -20.68
C THR A 118 -10.61 -24.73 -19.88
N SER A 119 -11.37 -24.87 -18.81
CA SER A 119 -11.30 -26.07 -17.99
C SER A 119 -12.70 -26.48 -17.52
N PRO A 120 -13.13 -27.71 -17.85
CA PRO A 120 -14.43 -28.22 -17.36
C PRO A 120 -14.36 -28.79 -15.94
N ASP A 121 -13.17 -29.22 -15.51
CA ASP A 121 -13.04 -29.91 -14.22
C ASP A 121 -12.49 -29.03 -13.09
N GLY A 122 -12.91 -27.77 -13.09
CA GLY A 122 -12.53 -26.84 -12.03
C GLY A 122 -11.37 -25.94 -12.42
N PHE A 123 -10.70 -25.41 -11.41
CA PHE A 123 -9.61 -24.45 -11.61
C PHE A 123 -8.37 -25.11 -12.22
N PRO A 124 -7.84 -24.52 -13.31
CA PRO A 124 -6.67 -25.07 -14.02
C PRO A 124 -5.34 -24.87 -13.29
N GLU A 125 -4.97 -25.86 -12.48
CA GLU A 125 -3.70 -25.83 -11.72
C GLU A 125 -2.45 -25.61 -12.57
N PRO A 126 -1.74 -24.50 -12.33
CA PRO A 126 -0.55 -24.18 -13.14
C PRO A 126 0.56 -25.23 -13.08
N SER A 127 0.67 -25.96 -11.97
CA SER A 127 1.73 -26.98 -11.83
C SER A 127 1.44 -28.23 -12.66
N GLN A 128 0.15 -28.48 -12.89
CA GLN A 128 -0.28 -29.58 -13.74
C GLN A 128 -0.36 -29.13 -15.20
N ALA A 129 -0.96 -27.96 -15.45
CA ALA A 129 -1.12 -27.40 -16.79
C ALA A 129 -1.72 -28.39 -17.80
N LYS A 130 -2.81 -29.04 -17.41
CA LYS A 130 -3.37 -30.13 -18.23
C LYS A 130 -4.36 -29.70 -19.32
N HIS A 131 -4.75 -28.44 -19.32
CA HIS A 131 -5.66 -27.96 -20.35
C HIS A 131 -4.97 -27.00 -21.29
N PRO A 132 -5.42 -26.95 -22.55
CA PRO A 132 -4.86 -26.04 -23.54
C PRO A 132 -4.94 -24.56 -23.15
N ILE A 133 -3.91 -23.79 -23.52
CA ILE A 133 -3.95 -22.34 -23.46
C ILE A 133 -4.64 -21.90 -24.75
N ASP A 134 -5.76 -21.20 -24.63
CA ASP A 134 -6.62 -20.91 -25.79
C ASP A 134 -6.73 -19.42 -26.16
N ALA A 135 -6.14 -18.56 -25.33
CA ALA A 135 -5.95 -17.15 -25.65
C ALA A 135 -4.78 -16.56 -24.88
N ILE A 136 -3.97 -15.77 -25.57
CA ILE A 136 -2.98 -14.90 -24.94
C ILE A 136 -3.08 -13.48 -25.48
N THR A 137 -3.27 -12.49 -24.60
CA THR A 137 -3.07 -11.09 -24.97
C THR A 137 -1.85 -10.53 -24.23
N HIS A 138 -0.95 -9.95 -25.03
CA HIS A 138 0.38 -9.50 -24.60
C HIS A 138 0.61 -8.13 -25.13
N TYR A 139 0.54 -7.14 -24.23
CA TYR A 139 0.79 -5.74 -24.59
C TYR A 139 2.30 -5.43 -24.49
N ASP A 140 2.83 -4.78 -25.52
CA ASP A 140 4.24 -4.35 -25.49
C ASP A 140 4.33 -2.83 -25.42
N SER A 141 5.04 -2.32 -24.40
CA SER A 141 5.10 -0.87 -24.14
C SER A 141 5.90 -0.12 -25.21
N ILE A 142 6.92 -0.76 -25.78
CA ILE A 142 7.70 -0.15 -26.84
C ILE A 142 6.92 -0.06 -28.16
N ASP A 143 6.19 -1.11 -28.51
CA ASP A 143 5.39 -1.09 -29.75
C ASP A 143 4.09 -0.38 -29.53
N ASP A 144 3.65 -0.34 -28.26
CA ASP A 144 2.32 0.16 -27.92
C ASP A 144 1.26 -0.67 -28.67
N ARG A 145 1.40 -1.99 -28.64
CA ARG A 145 0.49 -2.86 -29.38
C ARG A 145 0.00 -4.00 -28.51
N PHE A 146 -1.26 -4.38 -28.70
CA PHE A 146 -1.81 -5.56 -28.02
C PHE A 146 -1.70 -6.70 -29.02
N TYR A 147 -0.86 -7.67 -28.71
CA TYR A 147 -0.72 -8.88 -29.51
C TYR A 147 -1.63 -9.98 -28.97
N VAL A 148 -2.57 -10.40 -29.83
CA VAL A 148 -3.61 -11.38 -29.48
C VAL A 148 -3.37 -12.68 -30.21
N PHE A 149 -3.21 -13.74 -29.42
CA PHE A 149 -2.92 -15.07 -29.93
C PHE A 149 -4.16 -15.89 -29.60
N ASP A 150 -4.91 -16.26 -30.62
CA ASP A 150 -6.25 -16.83 -30.45
C ASP A 150 -6.34 -18.26 -30.97
N LEU A 151 -6.67 -19.20 -30.09
CA LEU A 151 -6.74 -20.61 -30.47
C LEU A 151 -8.14 -20.93 -30.98
N LEU A 152 -8.23 -21.30 -32.26
CA LEU A 152 -9.55 -21.59 -32.89
C LEU A 152 -10.01 -23.04 -32.75
N ASN A 153 -9.04 -23.95 -32.62
CA ASN A 153 -9.31 -25.39 -32.56
C ASN A 153 -8.73 -26.00 -31.28
N SER A 154 -9.61 -26.63 -30.52
CA SER A 154 -9.30 -27.18 -29.21
C SER A 154 -10.09 -28.47 -28.97
N PRO A 155 -9.58 -29.37 -28.10
CA PRO A 155 -10.46 -30.46 -27.64
C PRO A 155 -11.76 -29.95 -26.99
N TYR A 156 -11.78 -28.70 -26.52
CA TYR A 156 -13.00 -28.16 -25.91
C TYR A 156 -13.86 -27.33 -26.85
N GLY A 157 -13.49 -27.32 -28.13
CA GLY A 157 -14.32 -26.67 -29.15
C GLY A 157 -13.51 -26.06 -30.28
N ASN A 158 -14.12 -26.04 -31.45
CA ASN A 158 -13.60 -25.32 -32.59
C ASN A 158 -14.46 -24.10 -32.80
N VAL A 159 -13.82 -22.95 -32.98
CA VAL A 159 -14.54 -21.68 -33.03
C VAL A 159 -14.17 -20.85 -34.24
N GLU A 160 -14.99 -19.84 -34.51
CA GLU A 160 -14.74 -18.88 -35.57
C GLU A 160 -13.76 -17.80 -35.10
N GLU A 161 -13.13 -17.12 -36.06
CA GLU A 161 -12.25 -15.98 -35.74
C GLU A 161 -12.97 -14.88 -34.98
N TRP A 162 -12.25 -14.24 -34.08
CA TRP A 162 -12.72 -13.06 -33.38
C TRP A 162 -12.87 -11.91 -34.35
N SER A 163 -13.90 -11.10 -34.15
CA SER A 163 -14.16 -9.98 -35.04
C SER A 163 -13.94 -8.63 -34.37
N ILE A 164 -12.96 -7.88 -34.86
CA ILE A 164 -12.65 -6.54 -34.36
C ILE A 164 -13.83 -5.56 -34.52
N GLU A 165 -14.62 -5.76 -35.57
CA GLU A 165 -15.77 -4.91 -35.85
C GLU A 165 -16.82 -5.05 -34.76
N ILE A 166 -17.12 -6.30 -34.40
CA ILE A 166 -18.09 -6.55 -33.33
C ILE A 166 -17.50 -6.11 -31.98
N ALA A 167 -16.20 -6.30 -31.81
CA ALA A 167 -15.53 -5.97 -30.56
C ALA A 167 -15.68 -4.48 -30.22
N ALA A 168 -15.69 -3.66 -31.26
CA ALA A 168 -15.75 -2.20 -31.13
C ALA A 168 -17.16 -1.66 -30.90
N LYS A 169 -18.17 -2.39 -31.35
CA LYS A 169 -19.56 -1.94 -31.20
C LYS A 169 -20.00 -1.89 -29.73
N LEU A 170 -21.04 -1.10 -29.48
CA LEU A 170 -21.59 -0.97 -28.13
C LEU A 170 -22.19 -2.31 -27.65
N GLN A 171 -22.16 -2.55 -26.34
CA GLN A 171 -22.89 -3.68 -25.77
C GLN A 171 -24.33 -3.70 -26.27
N GLU A 172 -24.89 -2.50 -26.46
CA GLU A 172 -26.26 -2.29 -26.94
C GLU A 172 -26.44 -2.53 -28.44
N GLN A 173 -25.33 -2.68 -29.16
CA GLN A 173 -25.34 -3.16 -30.54
C GLN A 173 -24.99 -4.64 -30.60
N GLY A 174 -24.84 -5.28 -29.45
CA GLY A 174 -24.38 -6.68 -29.39
C GLY A 174 -22.86 -6.78 -29.44
N GLY A 175 -22.20 -5.64 -29.26
CA GLY A 175 -20.73 -5.62 -29.30
C GLY A 175 -20.10 -5.85 -27.95
N ASP A 176 -18.78 -5.70 -27.90
CA ASP A 176 -18.05 -5.94 -26.67
C ASP A 176 -17.54 -4.66 -26.04
N GLU A 177 -17.71 -3.55 -26.75
CA GLU A 177 -17.24 -2.23 -26.32
C GLU A 177 -15.76 -2.22 -25.91
N VAL A 178 -14.91 -2.85 -26.73
CA VAL A 178 -13.48 -2.70 -26.56
C VAL A 178 -13.18 -1.23 -26.88
N PRO A 179 -12.51 -0.50 -25.95
CA PRO A 179 -12.33 0.95 -26.07
C PRO A 179 -11.74 1.37 -27.41
N SER A 180 -12.39 2.33 -28.05
CA SER A 180 -11.94 2.83 -29.35
C SER A 180 -10.47 3.27 -29.38
N GLU A 181 -9.94 3.72 -28.24
CA GLU A 181 -8.54 4.18 -28.20
C GLU A 181 -7.48 3.05 -28.32
N ILE A 182 -7.90 1.79 -28.20
CA ILE A 182 -6.99 0.65 -28.40
C ILE A 182 -7.30 -0.21 -29.63
N ILE A 183 -8.44 0.03 -30.29
CA ILE A 183 -8.84 -0.75 -31.46
C ILE A 183 -7.72 -0.85 -32.50
N ASP A 184 -7.13 0.28 -32.84
CA ASP A 184 -6.12 0.33 -33.87
C ASP A 184 -4.78 -0.18 -33.37
N LYS A 185 -4.72 -0.60 -32.12
CA LYS A 185 -3.45 -1.05 -31.53
C LYS A 185 -3.42 -2.56 -31.35
N ILE A 186 -4.52 -3.22 -31.75
CA ILE A 186 -4.62 -4.67 -31.63
C ILE A 186 -4.04 -5.36 -32.87
N ILE A 187 -3.16 -6.32 -32.64
CA ILE A 187 -2.58 -7.13 -33.71
C ILE A 187 -3.07 -8.55 -33.45
N TYR A 188 -4.01 -9.00 -34.28
CA TYR A 188 -4.77 -10.23 -34.08
C TYR A 188 -4.22 -11.41 -34.88
N MET A 189 -3.90 -12.49 -34.17
CA MET A 189 -3.31 -13.69 -34.76
C MET A 189 -4.06 -14.97 -34.39
N PRO A 190 -4.87 -15.50 -35.32
CA PRO A 190 -5.57 -16.77 -35.09
C PRO A 190 -4.66 -17.98 -35.36
N PHE A 191 -4.89 -19.09 -34.65
CA PHE A 191 -4.09 -20.30 -34.84
C PHE A 191 -4.98 -21.52 -34.90
N ASP A 192 -4.63 -22.45 -35.80
CA ASP A 192 -5.38 -23.69 -35.99
C ASP A 192 -5.11 -24.75 -34.93
N ASN A 193 -3.97 -24.65 -34.27
CA ASN A 193 -3.63 -25.58 -33.19
C ASN A 193 -2.78 -24.91 -32.11
N GLU A 194 -2.86 -25.43 -30.89
CA GLU A 194 -2.14 -24.89 -29.75
C GLU A 194 -0.60 -24.95 -29.91
N LYS A 195 -0.09 -25.99 -30.56
CA LYS A 195 1.35 -26.13 -30.72
C LYS A 195 1.92 -24.95 -31.52
N GLU A 196 1.27 -24.60 -32.63
CA GLU A 196 1.74 -23.46 -33.42
C GLU A 196 1.57 -22.11 -32.69
N LEU A 197 0.47 -21.94 -31.95
CA LEU A 197 0.27 -20.73 -31.11
C LEU A 197 1.47 -20.51 -30.15
N LEU A 198 1.78 -21.54 -29.36
CA LEU A 198 2.89 -21.48 -28.39
C LEU A 198 4.24 -21.31 -29.07
N MET A 199 4.45 -22.01 -30.17
CA MET A 199 5.70 -21.89 -30.93
C MET A 199 5.86 -20.48 -31.47
N GLU A 200 4.78 -19.94 -32.04
CA GLU A 200 4.79 -18.55 -32.48
C GLU A 200 4.93 -17.58 -31.28
N TYR A 201 4.26 -17.87 -30.16
CA TYR A 201 4.41 -17.01 -28.95
C TYR A 201 5.87 -16.89 -28.49
N LEU A 202 6.56 -18.01 -28.40
CA LEU A 202 7.97 -18.03 -28.00
C LEU A 202 8.89 -17.28 -28.96
N ASN A 203 8.61 -17.34 -30.26
CA ASN A 203 9.38 -16.61 -31.25
C ASN A 203 9.19 -15.09 -31.14
N PHE A 204 7.95 -14.69 -30.94
CA PHE A 204 7.58 -13.31 -30.62
C PHE A 204 8.29 -12.89 -29.31
N TRP A 205 8.23 -13.75 -28.30
CA TRP A 205 8.90 -13.48 -27.03
C TRP A 205 10.39 -13.25 -27.21
N GLN A 206 11.06 -14.06 -28.04
CA GLN A 206 12.49 -13.81 -28.35
C GLN A 206 12.73 -12.45 -29.01
N GLN A 207 11.83 -12.05 -29.91
CA GLN A 207 12.00 -10.78 -30.61
C GLN A 207 11.78 -9.61 -29.66
N LYS A 208 10.84 -9.79 -28.73
CA LYS A 208 10.39 -8.71 -27.88
C LYS A 208 10.42 -9.20 -26.45
N THR A 209 11.63 -9.45 -25.95
CA THR A 209 11.79 -10.03 -24.62
C THR A 209 11.48 -9.04 -23.52
N PRO A 210 10.47 -9.34 -22.69
CA PRO A 210 10.12 -8.43 -21.62
C PRO A 210 11.31 -8.16 -20.70
N VAL A 211 11.42 -6.92 -20.23
CA VAL A 211 12.35 -6.59 -19.16
C VAL A 211 11.57 -6.62 -17.85
N ILE A 212 10.51 -5.80 -17.82
CA ILE A 212 9.56 -5.76 -16.73
C ILE A 212 8.33 -6.52 -17.23
N LEU A 213 7.98 -7.56 -16.49
CA LEU A 213 6.86 -8.40 -16.84
C LEU A 213 5.75 -8.31 -15.77
N THR A 214 4.58 -7.85 -16.19
CA THR A 214 3.48 -7.64 -15.25
C THR A 214 2.13 -8.11 -15.84
N GLY A 215 1.04 -7.85 -15.11
CA GLY A 215 -0.31 -8.31 -15.45
C GLY A 215 -0.95 -8.66 -14.11
N TRP A 216 -2.07 -9.36 -14.12
CA TRP A 216 -2.82 -9.62 -12.90
C TRP A 216 -2.69 -11.05 -12.48
N ASN A 217 -2.03 -11.28 -11.35
CA ASN A 217 -1.76 -12.63 -10.87
C ASN A 217 -0.84 -13.41 -11.81
N VAL A 218 -0.02 -12.70 -12.61
CA VAL A 218 0.83 -13.40 -13.55
C VAL A 218 1.87 -14.28 -12.87
N GLU A 219 2.29 -13.90 -11.66
CA GLU A 219 3.38 -14.64 -11.01
C GLU A 219 2.88 -15.95 -10.41
N SER A 220 1.61 -15.97 -9.99
CA SER A 220 1.05 -17.16 -9.34
C SER A 220 0.28 -18.03 -10.33
N PHE A 221 -0.19 -17.45 -11.43
CA PHE A 221 -0.95 -18.20 -12.45
C PHE A 221 -0.36 -18.18 -13.87
N ALA A 222 -0.41 -17.04 -14.56
CA ALA A 222 -0.03 -17.00 -15.97
C ALA A 222 1.38 -17.49 -16.28
N ILE A 223 2.38 -17.02 -15.54
CA ILE A 223 3.76 -17.43 -15.83
C ILE A 223 3.97 -18.93 -15.58
N PRO A 224 3.61 -19.43 -14.37
CA PRO A 224 3.80 -20.88 -14.19
C PRO A 224 2.93 -21.74 -15.13
N TYR A 225 1.72 -21.29 -15.48
CA TYR A 225 0.89 -22.05 -16.42
C TYR A 225 1.51 -22.18 -17.81
N VAL A 226 1.95 -21.05 -18.37
CA VAL A 226 2.59 -21.02 -19.69
C VAL A 226 3.86 -21.87 -19.70
N TYR A 227 4.73 -21.70 -18.69
CA TYR A 227 5.95 -22.49 -18.55
C TYR A 227 5.66 -23.98 -18.52
N ASN A 228 4.78 -24.38 -17.61
CA ASN A 228 4.44 -25.79 -17.45
C ASN A 228 3.69 -26.40 -18.64
N ARG A 229 2.86 -25.61 -19.30
CA ARG A 229 2.17 -26.11 -20.49
C ARG A 229 3.14 -26.39 -21.63
N ILE A 230 4.05 -25.44 -21.86
CA ILE A 230 5.07 -25.57 -22.90
C ILE A 230 5.99 -26.73 -22.55
N LYS A 231 6.42 -26.77 -21.29
CA LYS A 231 7.17 -27.91 -20.75
C LYS A 231 6.51 -29.26 -21.08
N ASN A 232 5.21 -29.37 -20.81
CA ASN A 232 4.49 -30.62 -21.04
C ASN A 232 4.35 -31.01 -22.51
N ILE A 233 4.14 -30.02 -23.37
CA ILE A 233 3.98 -30.30 -24.79
C ILE A 233 5.32 -30.53 -25.51
N PHE A 234 6.34 -29.71 -25.22
CA PHE A 234 7.59 -29.68 -25.99
C PHE A 234 8.84 -30.11 -25.21
N GLY A 235 8.78 -30.06 -23.88
CA GLY A 235 9.96 -30.38 -23.06
C GLY A 235 10.54 -29.13 -22.40
N GLU A 236 11.37 -29.34 -21.38
CA GLU A 236 11.99 -28.29 -20.56
C GLU A 236 12.74 -27.17 -21.31
N SER A 237 13.61 -27.57 -22.24
CA SER A 237 14.52 -26.62 -22.91
C SER A 237 13.73 -25.61 -23.72
N THR A 238 12.57 -26.02 -24.22
CA THR A 238 11.73 -25.10 -24.95
C THR A 238 11.03 -24.13 -23.99
N ALA A 239 10.55 -24.65 -22.86
CA ALA A 239 9.94 -23.82 -21.81
C ALA A 239 10.93 -22.78 -21.26
N LYS A 240 12.21 -23.15 -21.14
CA LYS A 240 13.25 -22.23 -20.65
C LYS A 240 13.57 -21.07 -21.61
N ARG A 241 13.01 -21.10 -22.83
CA ARG A 241 13.12 -19.97 -23.76
C ARG A 241 12.35 -18.71 -23.30
N LEU A 242 11.56 -18.86 -22.23
CA LEU A 242 10.92 -17.72 -21.57
C LEU A 242 11.96 -16.87 -20.83
N SER A 243 13.10 -17.47 -20.50
CA SER A 243 14.22 -16.76 -19.94
C SER A 243 15.24 -16.49 -21.03
N PRO A 244 15.69 -15.23 -21.17
CA PRO A 244 16.65 -14.90 -22.23
C PRO A 244 18.02 -15.51 -22.00
N HIS A 245 18.25 -16.06 -20.82
CA HIS A 245 19.49 -16.78 -20.57
C HIS A 245 19.24 -18.26 -20.49
N ARG A 246 18.02 -18.67 -20.88
CA ARG A 246 17.62 -20.07 -20.87
C ARG A 246 17.76 -20.72 -19.50
N LYS A 247 17.62 -19.94 -18.45
CA LYS A 247 17.72 -20.48 -17.09
C LYS A 247 16.47 -20.13 -16.33
N THR A 248 15.90 -21.12 -15.64
CA THR A 248 14.73 -20.91 -14.80
C THR A 248 14.88 -21.76 -13.55
N ARG A 249 14.11 -21.44 -12.53
CA ARG A 249 14.11 -22.18 -11.30
C ARG A 249 12.70 -22.18 -10.75
N VAL A 250 12.24 -23.33 -10.29
CA VAL A 250 11.05 -23.41 -9.47
C VAL A 250 11.39 -22.82 -8.10
N LYS A 251 10.67 -21.78 -7.70
CA LYS A 251 10.86 -21.19 -6.37
C LYS A 251 9.69 -21.52 -5.45
N VAL A 252 10.03 -22.03 -4.28
CA VAL A 252 9.04 -22.39 -3.27
C VAL A 252 8.71 -21.18 -2.38
N ILE A 253 7.48 -20.72 -2.48
CA ILE A 253 7.01 -19.60 -1.66
C ILE A 253 6.32 -20.15 -0.41
N GLU A 254 7.01 -20.05 0.72
CA GLU A 254 6.50 -20.55 2.01
C GLU A 254 5.84 -19.45 2.84
N ASN A 255 4.78 -19.81 3.54
CA ASN A 255 4.25 -18.97 4.60
C ASN A 255 3.92 -19.79 5.84
N MET A 256 3.21 -19.18 6.78
CA MET A 256 2.84 -19.80 8.05
C MET A 256 2.08 -21.12 7.87
N TYR A 257 1.16 -21.16 6.89
CA TYR A 257 0.34 -22.35 6.61
C TYR A 257 0.47 -22.79 5.16
N GLY A 258 1.39 -23.72 4.89
CA GLY A 258 1.59 -24.25 3.55
C GLY A 258 2.51 -23.44 2.65
N SER A 259 2.71 -23.92 1.43
CA SER A 259 3.56 -23.23 0.45
C SER A 259 3.00 -23.34 -0.98
N ARG A 260 3.56 -22.54 -1.88
CA ARG A 260 3.20 -22.53 -3.29
C ARG A 260 4.44 -22.39 -4.15
N GLU A 261 4.28 -22.60 -5.46
CA GLU A 261 5.38 -22.68 -6.42
CA GLU A 261 5.42 -22.61 -6.37
C GLU A 261 5.30 -21.57 -7.48
N ILE A 262 6.42 -20.86 -7.70
CA ILE A 262 6.51 -19.92 -8.80
C ILE A 262 7.75 -20.25 -9.67
N ILE A 263 7.77 -19.73 -10.89
CA ILE A 263 8.88 -19.98 -11.80
C ILE A 263 9.66 -18.69 -11.94
N THR A 264 10.90 -18.73 -11.46
CA THR A 264 11.80 -17.60 -11.58
C THR A 264 12.36 -17.65 -13.00
N LEU A 265 12.12 -16.59 -13.77
CA LEU A 265 12.73 -16.47 -15.10
C LEU A 265 13.97 -15.60 -15.00
N PHE A 266 15.15 -16.21 -15.08
CA PHE A 266 16.40 -15.43 -15.04
C PHE A 266 16.42 -14.43 -16.16
N GLY A 267 16.85 -13.19 -15.86
CA GLY A 267 16.94 -12.12 -16.86
C GLY A 267 15.61 -11.44 -17.17
N ILE A 268 14.58 -11.75 -16.39
CA ILE A 268 13.29 -11.06 -16.46
C ILE A 268 12.97 -10.49 -15.07
N SER A 269 12.35 -9.31 -15.00
CA SER A 269 11.92 -8.74 -13.70
C SER A 269 10.42 -8.80 -13.63
N VAL A 270 9.92 -9.80 -12.90
CA VAL A 270 8.48 -9.97 -12.74
C VAL A 270 7.95 -9.06 -11.66
N LEU A 271 7.04 -8.17 -12.03
CA LEU A 271 6.36 -7.30 -11.08
C LEU A 271 4.86 -7.48 -11.26
N ASP A 272 4.33 -8.52 -10.62
CA ASP A 272 2.92 -8.86 -10.70
C ASP A 272 2.09 -7.67 -10.15
N TYR A 273 1.17 -7.14 -10.94
CA TYR A 273 0.47 -5.92 -10.54
C TYR A 273 -0.37 -6.08 -9.29
N ILE A 274 -0.87 -7.28 -9.03
CA ILE A 274 -1.63 -7.53 -7.80
C ILE A 274 -0.72 -7.26 -6.60
N ASP A 275 0.55 -7.65 -6.71
CA ASP A 275 1.50 -7.47 -5.62
C ASP A 275 1.98 -6.03 -5.53
N LEU A 276 2.13 -5.39 -6.69
CA LEU A 276 2.42 -3.96 -6.70
C LEU A 276 1.26 -3.19 -6.01
N TYR A 277 0.02 -3.53 -6.35
CA TYR A 277 -1.14 -2.88 -5.75
C TYR A 277 -1.21 -3.07 -4.24
N LYS A 278 -1.07 -4.30 -3.76
CA LYS A 278 -1.13 -4.55 -2.33
C LYS A 278 -0.03 -3.80 -1.58
N LYS A 279 1.16 -3.72 -2.17
CA LYS A 279 2.27 -3.06 -1.51
C LYS A 279 2.13 -1.55 -1.51
N PHE A 280 1.69 -0.97 -2.63
CA PHE A 280 1.81 0.45 -2.87
C PHE A 280 0.50 1.25 -2.82
N SER A 281 -0.65 0.58 -2.81
CA SER A 281 -1.93 1.32 -2.90
C SER A 281 -2.46 1.84 -1.56
N PHE A 282 -2.02 1.22 -0.46
CA PHE A 282 -2.55 1.49 0.89
C PHE A 282 -4.08 1.47 0.95
N THR A 283 -4.61 0.38 0.40
CA THR A 283 -6.02 0.02 0.53
C THR A 283 -5.97 -1.36 1.16
N ASN A 284 -7.11 -1.82 1.66
CA ASN A 284 -7.31 -3.23 1.97
C ASN A 284 -8.68 -3.53 1.41
N GLN A 285 -8.69 -4.41 0.41
CA GLN A 285 -9.84 -4.59 -0.44
C GLN A 285 -10.60 -5.86 -0.02
N PRO A 286 -11.94 -5.85 -0.13
CA PRO A 286 -12.69 -7.07 0.18
C PRO A 286 -12.40 -8.18 -0.83
N SER A 287 -11.98 -7.81 -2.05
CA SER A 287 -11.65 -8.75 -3.10
C SER A 287 -10.53 -8.19 -3.95
N TYR A 288 -9.65 -9.06 -4.45
CA TYR A 288 -8.60 -8.66 -5.41
C TYR A 288 -8.78 -9.21 -6.83
N SER A 289 -10.00 -9.57 -7.19
CA SER A 289 -10.28 -9.88 -8.57
C SER A 289 -10.08 -8.61 -9.38
N LEU A 290 -9.70 -8.76 -10.65
CA LEU A 290 -9.41 -7.59 -11.48
C LEU A 290 -10.65 -6.77 -11.77
N ASP A 291 -11.80 -7.41 -11.89
CA ASP A 291 -13.03 -6.65 -12.11
C ASP A 291 -13.38 -5.80 -10.89
N TYR A 292 -13.19 -6.36 -9.70
CA TYR A 292 -13.45 -5.60 -8.48
C TYR A 292 -12.50 -4.40 -8.33
N ILE A 293 -11.21 -4.61 -8.56
CA ILE A 293 -10.22 -3.55 -8.43
C ILE A 293 -10.39 -2.50 -9.55
N SER A 294 -10.73 -2.93 -10.76
CA SER A 294 -11.01 -2.02 -11.87
C SER A 294 -12.21 -1.14 -11.55
N GLU A 295 -13.27 -1.74 -11.03
CA GLU A 295 -14.45 -0.97 -10.61
C GLU A 295 -14.06 0.08 -9.58
N PHE A 296 -13.29 -0.33 -8.58
CA PHE A 296 -12.82 0.58 -7.53
C PHE A 296 -11.98 1.73 -8.07
N GLU A 297 -10.98 1.43 -8.89
CA GLU A 297 -10.01 2.43 -9.31
C GLU A 297 -10.50 3.33 -10.43
N LEU A 298 -11.31 2.78 -11.34
CA LEU A 298 -11.60 3.46 -12.59
C LEU A 298 -13.06 3.75 -12.78
N ASN A 299 -13.89 3.19 -11.88
CA ASN A 299 -15.35 3.27 -12.04
C ASN A 299 -15.86 2.76 -13.40
N VAL A 300 -15.30 1.62 -13.80
CA VAL A 300 -15.72 0.92 -15.00
C VAL A 300 -16.61 -0.26 -14.57
N GLY A 301 -17.66 -0.50 -15.35
CA GLY A 301 -18.60 -1.59 -15.08
C GLY A 301 -17.99 -2.96 -15.28
N LYS A 302 -18.38 -3.89 -14.41
CA LYS A 302 -17.93 -5.29 -14.46
C LYS A 302 -18.12 -5.91 -15.86
N LEU A 303 -17.09 -6.61 -16.33
CA LEU A 303 -17.14 -7.40 -17.56
C LEU A 303 -18.20 -8.50 -17.46
N LYS A 304 -19.31 -8.32 -18.20
CA LYS A 304 -20.50 -9.16 -18.03
C LYS A 304 -20.62 -10.27 -19.09
N TYR A 305 -21.00 -11.47 -18.63
CA TYR A 305 -21.27 -12.61 -19.51
C TYR A 305 -22.23 -13.62 -18.87
N ASP A 306 -22.90 -14.42 -19.73
CA ASP A 306 -23.78 -15.51 -19.30
C ASP A 306 -23.00 -16.81 -19.15
N GLY A 307 -23.46 -17.69 -18.26
CA GLY A 307 -22.80 -18.98 -18.00
C GLY A 307 -21.43 -18.85 -17.36
N PRO A 308 -20.85 -19.99 -16.90
CA PRO A 308 -19.54 -19.93 -16.26
C PRO A 308 -18.43 -19.69 -17.28
N ILE A 309 -17.21 -19.39 -16.82
CA ILE A 309 -16.10 -19.12 -17.74
C ILE A 309 -15.75 -20.38 -18.53
N SER A 310 -15.97 -21.53 -17.93
CA SER A 310 -15.68 -22.84 -18.52
C SER A 310 -16.47 -23.11 -19.80
N LYS A 311 -17.60 -22.42 -19.97
CA LYS A 311 -18.42 -22.57 -21.17
C LYS A 311 -18.44 -21.30 -22.02
N LEU A 312 -17.66 -20.29 -21.63
CA LEU A 312 -17.66 -19.01 -22.36
C LEU A 312 -17.03 -19.08 -23.73
N ARG A 313 -15.89 -19.76 -23.84
CA ARG A 313 -15.24 -19.86 -25.14
C ARG A 313 -16.16 -20.53 -26.17
N GLU A 314 -16.76 -21.67 -25.82
CA GLU A 314 -17.60 -22.38 -26.80
C GLU A 314 -18.94 -21.71 -27.07
N SER A 315 -19.49 -20.99 -26.09
CA SER A 315 -20.77 -20.33 -26.28
C SER A 315 -20.62 -18.94 -26.90
N ASN A 316 -19.56 -18.21 -26.54
CA ASN A 316 -19.36 -16.85 -27.05
C ASN A 316 -17.90 -16.44 -27.14
N HIS A 317 -17.18 -17.07 -28.08
CA HIS A 317 -15.74 -16.85 -28.29
C HIS A 317 -15.42 -15.41 -28.63
N GLN A 318 -16.35 -14.76 -29.31
CA GLN A 318 -16.23 -13.34 -29.60
C GLN A 318 -15.99 -12.58 -28.29
N ARG A 319 -16.89 -12.74 -27.31
CA ARG A 319 -16.77 -12.06 -26.02
C ARG A 319 -15.57 -12.55 -25.23
N TYR A 320 -15.30 -13.86 -25.30
CA TYR A 320 -14.19 -14.50 -24.59
C TYR A 320 -12.89 -13.79 -24.91
N ILE A 321 -12.64 -13.58 -26.19
CA ILE A 321 -11.44 -12.88 -26.65
C ILE A 321 -11.45 -11.38 -26.29
N SER A 322 -12.54 -10.67 -26.58
CA SER A 322 -12.63 -9.25 -26.23
C SER A 322 -12.32 -9.00 -24.75
N TYR A 323 -12.80 -9.88 -23.88
CA TYR A 323 -12.63 -9.70 -22.44
C TYR A 323 -11.22 -10.00 -22.00
N ASN A 324 -10.52 -10.87 -22.73
CA ASN A 324 -9.10 -11.10 -22.51
C ASN A 324 -8.32 -9.82 -22.86
N ILE A 325 -8.65 -9.21 -24.00
CA ILE A 325 -7.96 -7.97 -24.40
C ILE A 325 -8.26 -6.87 -23.37
N ILE A 326 -9.53 -6.74 -22.99
CA ILE A 326 -9.93 -5.73 -22.01
C ILE A 326 -9.24 -5.90 -20.64
N ALA A 327 -9.15 -7.13 -20.16
CA ALA A 327 -8.40 -7.44 -18.94
C ALA A 327 -6.98 -6.88 -18.92
N VAL A 328 -6.27 -7.00 -20.04
CA VAL A 328 -4.91 -6.45 -20.13
C VAL A 328 -4.91 -4.92 -20.11
N TYR A 329 -5.80 -4.31 -20.89
CA TYR A 329 -5.94 -2.85 -20.90
C TYR A 329 -6.30 -2.29 -19.53
N ARG A 330 -7.11 -3.02 -18.77
CA ARG A 330 -7.50 -2.55 -17.45
C ARG A 330 -6.31 -2.38 -16.50
N VAL A 331 -5.33 -3.29 -16.58
CA VAL A 331 -4.15 -3.17 -15.72
C VAL A 331 -3.38 -1.93 -16.14
N LEU A 332 -3.26 -1.70 -17.46
CA LEU A 332 -2.61 -0.49 -17.97
C LEU A 332 -3.33 0.79 -17.53
N GLN A 333 -4.65 0.75 -17.48
CA GLN A 333 -5.43 1.90 -17.05
C GLN A 333 -5.18 2.18 -15.57
N ILE A 334 -5.09 1.12 -14.78
CA ILE A 334 -4.87 1.29 -13.36
C ILE A 334 -3.47 1.92 -13.17
N ASP A 335 -2.50 1.48 -13.97
CA ASP A 335 -1.14 1.97 -13.83
C ASP A 335 -0.96 3.41 -14.31
N ALA A 336 -1.70 3.81 -15.36
CA ALA A 336 -1.68 5.22 -15.79
C ALA A 336 -2.17 6.09 -14.64
N LYS A 337 -3.12 5.57 -13.87
CA LYS A 337 -3.60 6.26 -12.68
C LYS A 337 -2.58 6.20 -11.52
N ARG A 338 -2.28 5.01 -11.02
CA ARG A 338 -1.50 4.84 -9.80
C ARG A 338 0.00 4.94 -10.00
N GLN A 339 0.48 4.65 -11.20
CA GLN A 339 1.88 4.80 -11.58
C GLN A 339 2.84 3.97 -10.71
N PHE A 340 2.46 2.73 -10.43
CA PHE A 340 3.28 1.85 -9.61
C PHE A 340 4.50 1.31 -10.36
N ILE A 341 4.40 1.18 -11.69
CA ILE A 341 5.58 0.77 -12.50
C ILE A 341 6.68 1.84 -12.44
N ASN A 342 6.28 3.08 -12.74
CA ASN A 342 7.17 4.24 -12.65
C ASN A 342 7.83 4.31 -11.27
N LEU A 343 7.03 4.16 -10.22
CA LEU A 343 7.55 4.13 -8.85
C LEU A 343 8.62 3.05 -8.63
N SER A 344 8.36 1.85 -9.13
CA SER A 344 9.25 0.71 -8.91
C SER A 344 10.57 0.91 -9.64
N LEU A 345 10.50 1.46 -10.85
CA LEU A 345 11.72 1.78 -11.61
C LEU A 345 12.57 2.87 -10.94
N ASP A 346 11.92 3.92 -10.44
CA ASP A 346 12.57 4.99 -9.69
C ASP A 346 13.35 4.47 -8.48
N MET A 347 12.67 3.67 -7.65
CA MET A 347 13.26 3.15 -6.42
C MET A 347 14.34 2.12 -6.69
N GLY A 348 14.09 1.26 -7.69
CA GLY A 348 15.05 0.21 -8.05
C GLY A 348 16.35 0.78 -8.58
N TYR A 349 16.24 1.76 -9.46
CA TYR A 349 17.43 2.35 -10.04
C TYR A 349 18.18 3.20 -9.01
N TYR A 350 17.42 3.86 -8.14
CA TYR A 350 17.99 4.62 -7.03
C TYR A 350 18.83 3.73 -6.13
N ALA A 351 18.32 2.56 -5.76
CA ALA A 351 19.04 1.65 -4.88
C ALA A 351 20.15 0.87 -5.57
N LYS A 352 20.06 0.74 -6.89
CA LYS A 352 20.93 -0.13 -7.69
C LYS A 352 20.73 -1.62 -7.39
N ILE A 353 19.47 -2.04 -7.52
CA ILE A 353 19.06 -3.42 -7.27
C ILE A 353 18.30 -3.95 -8.49
N GLN A 354 18.12 -5.27 -8.53
CA GLN A 354 17.12 -5.89 -9.39
C GLN A 354 15.78 -5.20 -9.14
N ILE A 355 15.10 -4.77 -10.20
CA ILE A 355 13.84 -4.04 -10.00
C ILE A 355 12.85 -4.78 -9.08
N GLN A 356 12.72 -6.10 -9.23
CA GLN A 356 11.73 -6.86 -8.44
C GLN A 356 12.06 -6.84 -6.94
N SER A 357 13.26 -6.35 -6.62
CA SER A 357 13.67 -6.24 -5.22
C SER A 357 13.00 -5.06 -4.48
N VAL A 358 12.36 -4.15 -5.21
CA VAL A 358 11.59 -3.08 -4.55
C VAL A 358 10.56 -3.64 -3.56
N PHE A 359 10.22 -4.93 -3.71
CA PHE A 359 9.25 -5.56 -2.83
C PHE A 359 9.85 -5.78 -1.43
N SER A 360 11.18 -5.72 -1.33
CA SER A 360 11.90 -5.97 -0.07
C SER A 360 12.64 -4.71 0.43
N PRO A 361 12.07 -4.04 1.46
CA PRO A 361 12.74 -2.90 2.11
C PRO A 361 14.14 -3.24 2.65
N ILE A 362 14.32 -4.46 3.14
CA ILE A 362 15.65 -4.88 3.65
C ILE A 362 16.70 -4.93 2.54
N LYS A 363 16.34 -5.54 1.41
CA LYS A 363 17.23 -5.60 0.24
C LYS A 363 17.51 -4.19 -0.32
N THR A 364 16.46 -3.35 -0.38
CA THR A 364 16.61 -1.98 -0.87
C THR A 364 17.56 -1.11 -0.04
N TRP A 365 17.37 -1.10 1.28
CA TRP A 365 18.27 -0.43 2.20
C TRP A 365 19.66 -1.01 2.25
N ASP A 366 19.79 -2.34 2.22
CA ASP A 366 21.12 -2.98 2.16
C ASP A 366 21.95 -2.44 0.98
N ALA A 367 21.34 -2.35 -0.19
CA ALA A 367 22.02 -1.84 -1.38
C ALA A 367 22.30 -0.34 -1.34
N ILE A 368 21.35 0.46 -0.85
CA ILE A 368 21.56 1.91 -0.70
C ILE A 368 22.72 2.18 0.27
N ILE A 369 22.71 1.49 1.41
CA ILE A 369 23.74 1.66 2.40
C ILE A 369 25.10 1.17 1.90
N PHE A 370 25.11 0.08 1.14
CA PHE A 370 26.36 -0.47 0.61
C PHE A 370 27.01 0.48 -0.40
N ASN A 371 26.21 1.01 -1.32
CA ASN A 371 26.72 1.96 -2.32
C ASN A 371 27.25 3.24 -1.69
N SER A 372 26.57 3.70 -0.63
CA SER A 372 26.98 4.88 0.14
C SER A 372 28.33 4.68 0.78
N LEU A 373 28.46 3.59 1.55
CA LEU A 373 29.69 3.24 2.24
C LEU A 373 30.85 2.95 1.29
N LYS A 374 30.55 2.24 0.20
CA LYS A 374 31.55 1.90 -0.80
C LYS A 374 32.26 3.16 -1.33
N GLU A 375 31.49 4.24 -1.49
CA GLU A 375 32.01 5.55 -1.94
C GLU A 375 33.15 6.11 -1.08
N GLN A 376 33.15 5.78 0.20
CA GLN A 376 34.15 6.28 1.13
C GLN A 376 35.16 5.17 1.43
N ASN A 377 35.26 4.19 0.52
CA ASN A 377 36.08 2.98 0.72
C ASN A 377 35.81 2.24 2.04
N LYS A 378 34.60 2.40 2.56
CA LYS A 378 34.21 1.66 3.76
C LYS A 378 33.64 0.29 3.43
N VAL A 379 33.69 -0.62 4.40
CA VAL A 379 33.38 -2.02 4.16
C VAL A 379 32.28 -2.51 5.09
N ILE A 380 31.23 -3.08 4.50
CA ILE A 380 30.01 -3.42 5.23
C ILE A 380 30.24 -4.70 6.07
N PRO A 381 29.53 -4.83 7.21
CA PRO A 381 29.78 -6.01 8.05
C PRO A 381 29.09 -7.24 7.47
N GLN A 382 29.50 -8.43 7.89
CA GLN A 382 28.77 -9.64 7.51
C GLN A 382 27.38 -9.66 8.16
N GLY A 383 26.39 -10.13 7.41
CA GLY A 383 25.09 -10.46 7.99
C GLY A 383 25.27 -11.57 9.03
N ARG A 384 24.49 -11.52 10.10
CA ARG A 384 24.59 -12.51 11.18
C ARG A 384 23.23 -13.11 11.52
N SER A 385 23.26 -14.16 12.34
CA SER A 385 22.07 -14.82 12.82
C SER A 385 21.57 -14.13 14.09
N HIS A 386 20.26 -13.88 14.17
CA HIS A 386 19.67 -13.41 15.42
C HIS A 386 18.36 -14.07 15.72
N PRO A 387 18.15 -14.48 16.99
CA PRO A 387 16.84 -14.98 17.38
C PRO A 387 15.82 -13.84 17.36
N VAL A 388 14.60 -14.11 16.92
CA VAL A 388 13.54 -13.10 16.95
C VAL A 388 13.17 -12.75 18.40
N GLN A 389 13.26 -11.46 18.75
CA GLN A 389 12.89 -11.00 20.09
C GLN A 389 11.88 -9.87 20.00
N PRO A 390 10.87 -9.87 20.90
CA PRO A 390 9.92 -8.74 20.88
C PRO A 390 10.58 -7.46 21.41
N TYR A 391 10.15 -6.30 20.93
CA TYR A 391 10.63 -5.04 21.49
C TYR A 391 9.54 -3.98 21.47
N PRO A 392 9.63 -2.99 22.38
CA PRO A 392 8.55 -2.01 22.56
C PRO A 392 8.46 -0.95 21.48
N GLY A 393 7.26 -0.47 21.27
CA GLY A 393 6.98 0.44 20.17
C GLY A 393 6.50 1.79 20.69
N ALA A 394 5.40 2.26 20.12
CA ALA A 394 4.89 3.60 20.38
C ALA A 394 4.04 3.70 21.66
N PHE A 395 3.83 4.93 22.13
CA PHE A 395 2.85 5.22 23.17
C PHE A 395 1.54 5.64 22.51
N VAL A 396 0.44 5.18 23.08
CA VAL A 396 -0.89 5.62 22.66
C VAL A 396 -1.61 6.04 23.94
N LYS A 397 -2.20 7.23 23.93
CA LYS A 397 -2.92 7.75 25.10
C LYS A 397 -4.32 7.16 25.14
N GLU A 398 -4.76 6.74 26.33
CA GLU A 398 -6.14 6.30 26.58
C GLU A 398 -7.07 7.53 26.64
N PRO A 399 -7.96 7.70 25.64
CA PRO A 399 -8.83 8.88 25.69
C PRO A 399 -10.08 8.67 26.54
N ILE A 400 -10.63 9.75 27.05
CA ILE A 400 -11.90 9.66 27.76
C ILE A 400 -12.97 9.60 26.69
N PRO A 401 -13.70 8.47 26.61
CA PRO A 401 -14.72 8.36 25.56
C PRO A 401 -15.77 9.45 25.72
N ASN A 402 -15.99 10.22 24.65
CA ASN A 402 -16.88 11.37 24.73
C ASN A 402 -17.09 11.97 23.37
N ARG A 403 -18.04 12.89 23.26
CA ARG A 403 -18.01 13.86 22.17
C ARG A 403 -16.95 14.90 22.50
N TYR A 404 -16.37 15.46 21.44
CA TYR A 404 -15.43 16.57 21.53
C TYR A 404 -15.79 17.52 20.39
N LYS A 405 -16.18 18.73 20.76
CA LYS A 405 -16.76 19.72 19.84
C LYS A 405 -15.78 20.35 18.84
N TYR A 406 -14.79 21.10 19.35
CA TYR A 406 -13.78 21.75 18.55
C TYR A 406 -12.45 21.06 18.81
N VAL A 407 -11.78 20.65 17.75
CA VAL A 407 -10.51 19.93 17.90
C VAL A 407 -9.47 20.40 16.89
N MET A 408 -8.24 20.51 17.36
CA MET A 408 -7.09 20.76 16.50
C MET A 408 -6.08 19.68 16.77
N SER A 409 -5.51 19.15 15.70
CA SER A 409 -4.54 18.07 15.82
C SER A 409 -3.20 18.51 15.26
N PHE A 410 -2.16 17.86 15.77
CA PHE A 410 -0.80 18.15 15.36
C PHE A 410 -0.08 16.82 15.35
N ASP A 411 0.85 16.63 14.40
CA ASP A 411 1.76 15.49 14.48
C ASP A 411 3.11 15.74 13.83
N LEU A 412 4.10 14.95 14.24
CA LEU A 412 5.45 15.07 13.71
C LEU A 412 5.52 14.76 12.21
N THR A 413 6.31 15.55 11.50
CA THR A 413 6.63 15.26 10.12
C THR A 413 7.64 14.13 10.13
N SER A 414 7.31 13.04 9.42
CA SER A 414 8.25 11.94 9.23
C SER A 414 8.89 11.56 10.56
N ALA A 415 8.04 11.18 11.51
CA ALA A 415 8.43 10.98 12.90
C ALA A 415 9.67 10.13 13.11
N TYR A 416 9.61 8.85 12.76
CA TYR A 416 10.74 7.94 13.04
C TYR A 416 12.02 8.29 12.29
N PRO A 417 11.91 8.67 10.99
CA PRO A 417 13.09 9.15 10.26
C PRO A 417 13.67 10.43 10.83
N SER A 418 12.80 11.33 11.30
CA SER A 418 13.25 12.54 11.96
C SER A 418 13.95 12.20 13.29
N ILE A 419 13.44 11.22 14.03
CA ILE A 419 14.13 10.77 15.27
C ILE A 419 15.53 10.27 14.94
N ILE A 420 15.63 9.47 13.88
CA ILE A 420 16.93 8.92 13.42
C ILE A 420 17.96 10.03 13.14
N ARG A 421 17.52 11.06 12.44
CA ARG A 421 18.38 12.16 12.04
C ARG A 421 18.72 13.03 13.24
N GLN A 422 17.72 13.35 14.06
CA GLN A 422 17.93 14.20 15.22
C GLN A 422 18.93 13.57 16.22
N VAL A 423 18.73 12.30 16.54
CA VAL A 423 19.53 11.62 17.56
C VAL A 423 20.84 11.12 16.96
N ASN A 424 20.87 10.99 15.64
CA ASN A 424 21.98 10.40 14.88
C ASN A 424 22.16 8.89 15.11
N ILE A 425 21.09 8.14 14.85
CA ILE A 425 21.02 6.69 15.13
C ILE A 425 21.48 5.90 13.91
N SER A 426 22.50 5.05 14.10
CA SER A 426 23.17 4.38 12.99
C SER A 426 24.03 3.28 13.61
N PRO A 427 24.34 2.21 12.84
CA PRO A 427 25.16 1.16 13.43
C PRO A 427 26.48 1.72 13.93
N GLU A 428 27.09 2.63 13.16
CA GLU A 428 28.48 3.03 13.40
C GLU A 428 28.64 4.27 14.29
N THR A 429 27.52 4.85 14.73
CA THR A 429 27.60 6.05 15.55
C THR A 429 27.33 5.78 17.02
N ILE A 430 27.18 4.50 17.39
CA ILE A 430 26.93 4.17 18.79
C ILE A 430 28.19 4.55 19.55
N ALA A 431 28.02 5.38 20.59
CA ALA A 431 29.12 5.85 21.41
C ALA A 431 29.18 5.14 22.75
N GLY A 432 28.05 4.59 23.20
CA GLY A 432 28.04 3.87 24.48
C GLY A 432 26.67 3.92 25.11
N THR A 433 26.63 3.77 26.43
CA THR A 433 25.33 3.80 27.14
C THR A 433 25.39 4.76 28.34
N PHE A 434 24.22 5.13 28.84
CA PHE A 434 24.12 5.85 30.10
C PHE A 434 23.06 5.16 30.95
N LYS A 435 23.11 5.41 32.25
CA LYS A 435 22.21 4.81 33.22
C LYS A 435 20.81 5.41 33.12
N VAL A 436 19.82 4.58 32.82
CA VAL A 436 18.47 5.09 32.54
C VAL A 436 17.61 5.23 33.80
N ALA A 437 16.78 6.27 33.79
CA ALA A 437 15.77 6.49 34.79
C ALA A 437 14.43 6.13 34.16
N PRO A 438 13.39 5.90 34.97
CA PRO A 438 12.08 5.68 34.40
C PRO A 438 11.76 6.71 33.31
N LEU A 439 11.03 6.28 32.29
CA LEU A 439 10.64 7.16 31.19
C LEU A 439 9.94 8.42 31.70
N HIS A 440 9.06 8.22 32.67
CA HIS A 440 8.31 9.29 33.36
C HIS A 440 9.23 10.43 33.81
N ASP A 441 10.40 10.08 34.34
CA ASP A 441 11.36 11.09 34.78
C ASP A 441 11.94 11.95 33.66
N TYR A 442 12.03 11.42 32.45
CA TYR A 442 12.49 12.24 31.32
C TYR A 442 11.33 13.07 30.80
N ILE A 443 10.15 12.46 30.71
CA ILE A 443 8.94 13.17 30.25
C ILE A 443 8.75 14.43 31.06
N ASN A 444 8.94 14.30 32.37
CA ASN A 444 8.73 15.42 33.31
C ASN A 444 10.02 16.17 33.68
N ALA A 445 11.07 15.93 32.90
CA ALA A 445 12.34 16.68 33.00
C ALA A 445 12.97 16.68 34.41
N VAL A 446 12.70 15.65 35.21
CA VAL A 446 13.33 15.53 36.52
C VAL A 446 14.58 14.65 36.53
N ALA A 447 14.73 13.78 35.53
CA ALA A 447 15.93 12.92 35.47
C ALA A 447 17.18 13.71 35.11
N GLU A 448 18.30 13.24 35.64
CA GLU A 448 19.62 13.75 35.31
C GLU A 448 19.80 13.81 33.80
N ARG A 449 20.50 14.84 33.34
CA ARG A 449 20.82 14.98 31.93
C ARG A 449 21.73 13.79 31.53
N PRO A 450 21.31 13.03 30.50
CA PRO A 450 21.99 11.79 30.09
C PRO A 450 23.45 11.98 29.74
N SER A 451 23.77 12.97 28.89
CA SER A 451 25.15 13.18 28.46
C SER A 451 25.43 14.66 28.22
N ASP A 452 26.66 15.07 28.55
CA ASP A 452 27.18 16.38 28.15
C ASP A 452 28.09 16.24 26.93
N VAL A 453 28.17 15.04 26.36
CA VAL A 453 29.05 14.79 25.21
C VAL A 453 28.29 14.27 24.00
N TYR A 454 27.41 13.31 24.23
CA TYR A 454 26.81 12.55 23.16
C TYR A 454 25.33 12.82 23.05
N SER A 455 24.77 12.51 21.89
CA SER A 455 23.36 12.65 21.59
C SER A 455 22.62 11.41 22.09
N CYS A 456 21.52 11.60 22.81
CA CYS A 456 20.93 10.51 23.57
C CYS A 456 19.49 10.19 23.26
N SER A 457 19.12 8.95 23.57
CA SER A 457 17.74 8.48 23.57
C SER A 457 17.44 7.90 24.96
N PRO A 458 16.21 8.12 25.48
CA PRO A 458 15.80 7.63 26.82
C PRO A 458 15.83 6.12 27.01
N ASN A 459 16.19 5.38 25.97
CA ASN A 459 16.41 3.94 26.15
C ASN A 459 17.79 3.61 26.74
N GLY A 460 18.65 4.62 26.91
CA GLY A 460 19.99 4.38 27.49
C GLY A 460 21.12 4.50 26.49
N MET A 461 20.79 4.75 25.22
CA MET A 461 21.81 4.79 24.15
C MET A 461 22.38 6.18 23.91
N MET A 462 23.69 6.22 23.62
CA MET A 462 24.38 7.46 23.26
C MET A 462 25.02 7.33 21.89
N TYR A 463 25.03 8.43 21.13
CA TYR A 463 25.53 8.45 19.76
C TYR A 463 26.50 9.61 19.53
N TYR A 464 27.46 9.42 18.62
CA TYR A 464 28.43 10.47 18.28
C TYR A 464 27.75 11.70 17.72
N LYS A 465 28.40 12.85 17.92
CA LYS A 465 27.90 14.11 17.40
C LYS A 465 28.83 14.75 16.35
N ASP A 466 30.00 14.18 16.12
CA ASP A 466 30.97 14.81 15.21
C ASP A 466 30.63 14.66 13.73
N ARG A 467 29.82 13.65 13.41
CA ARG A 467 29.53 13.31 12.01
C ARG A 467 28.26 12.49 11.94
N ASP A 468 27.52 12.72 10.85
CA ASP A 468 26.35 11.93 10.48
C ASP A 468 26.69 10.47 10.20
N GLY A 469 25.89 9.58 10.79
CA GLY A 469 25.90 8.17 10.44
C GLY A 469 25.34 7.96 9.04
N VAL A 470 25.66 6.79 8.47
CA VAL A 470 25.21 6.42 7.13
C VAL A 470 23.68 6.29 7.06
N VAL A 471 23.05 5.82 8.14
CA VAL A 471 21.58 5.69 8.16
C VAL A 471 20.91 7.09 8.11
N PRO A 472 21.31 8.01 9.01
CA PRO A 472 20.81 9.39 8.90
C PRO A 472 21.06 10.04 7.53
N THR A 473 22.27 9.87 6.99
CA THR A 473 22.61 10.44 5.70
C THR A 473 21.69 9.95 4.58
N GLU A 474 21.50 8.65 4.52
CA GLU A 474 20.74 8.07 3.43
C GLU A 474 19.24 8.24 3.60
N ILE A 475 18.77 8.14 4.84
CA ILE A 475 17.36 8.34 5.11
C ILE A 475 16.91 9.78 4.78
N THR A 476 17.81 10.75 5.00
CA THR A 476 17.59 12.18 4.72
C THR A 476 17.34 12.38 3.21
N LYS A 477 18.13 11.68 2.39
CA LYS A 477 18.05 11.78 0.92
C LYS A 477 16.68 11.36 0.41
N VAL A 478 16.19 10.21 0.84
CA VAL A 478 14.84 9.77 0.45
C VAL A 478 13.74 10.62 1.11
N PHE A 479 13.94 11.03 2.37
CA PHE A 479 13.03 11.98 3.01
C PHE A 479 12.81 13.23 2.17
N ASN A 480 13.91 13.79 1.68
CA ASN A 480 13.87 15.00 0.85
C ASN A 480 13.10 14.82 -0.45
N GLN A 481 13.27 13.65 -1.09
CA GLN A 481 12.50 13.33 -2.28
C GLN A 481 11.03 13.26 -1.88
N ARG A 482 10.76 12.62 -0.73
CA ARG A 482 9.40 12.46 -0.21
C ARG A 482 8.69 13.80 -0.07
N LYS A 483 9.41 14.77 0.49
CA LYS A 483 8.87 16.10 0.73
C LYS A 483 8.48 16.80 -0.57
N GLU A 484 9.34 16.68 -1.58
CA GLU A 484 9.08 17.30 -2.88
C GLU A 484 7.74 16.80 -3.43
N HIS A 485 7.56 15.48 -3.40
CA HIS A 485 6.36 14.86 -3.96
C HIS A 485 5.12 15.13 -3.18
N LYS A 486 5.26 15.17 -1.85
CA LYS A 486 4.13 15.53 -0.99
C LYS A 486 3.68 16.96 -1.27
N GLY A 487 4.66 17.83 -1.53
CA GLY A 487 4.41 19.20 -1.98
C GLY A 487 3.54 19.26 -3.22
N TYR A 488 3.88 18.45 -4.23
CA TYR A 488 3.10 18.39 -5.47
C TYR A 488 1.68 17.86 -5.18
N MET A 489 1.61 16.88 -4.29
CA MET A 489 0.33 16.22 -3.96
C MET A 489 -0.65 17.18 -3.31
N LEU A 490 -0.16 17.93 -2.31
CA LEU A 490 -0.98 18.90 -1.59
C LEU A 490 -1.41 20.08 -2.47
N ALA A 491 -0.52 20.54 -3.35
CA ALA A 491 -0.89 21.60 -4.30
C ALA A 491 -2.03 21.15 -5.22
N ALA A 492 -1.93 19.92 -5.74
CA ALA A 492 -2.99 19.37 -6.61
C ALA A 492 -4.31 19.24 -5.85
N GLN A 493 -4.22 18.90 -4.57
CA GLN A 493 -5.37 18.80 -3.70
C GLN A 493 -6.03 20.17 -3.48
N ARG A 494 -5.21 21.18 -3.22
CA ARG A 494 -5.70 22.56 -3.03
C ARG A 494 -6.29 23.09 -4.34
N ASN A 495 -5.65 22.75 -5.46
CA ASN A 495 -6.15 23.14 -6.77
C ASN A 495 -7.49 22.49 -7.05
N GLY A 496 -7.63 21.22 -6.66
CA GLY A 496 -8.91 20.48 -6.72
C GLY A 496 -10.04 21.21 -6.02
N GLU A 497 -9.75 21.77 -4.82
CA GLU A 497 -10.78 22.49 -4.06
C GLU A 497 -11.22 23.81 -4.73
N ILE A 498 -10.28 24.48 -5.40
CA ILE A 498 -10.62 25.69 -6.16
C ILE A 498 -11.62 25.35 -7.27
N ILE A 499 -11.36 24.25 -7.97
CA ILE A 499 -12.25 23.77 -9.04
C ILE A 499 -13.64 23.38 -8.51
N LYS A 500 -13.67 22.69 -7.37
CA LYS A 500 -14.92 22.37 -6.68
C LYS A 500 -15.73 23.63 -6.34
N GLU A 501 -15.05 24.65 -5.81
CA GLU A 501 -15.70 25.94 -5.53
C GLU A 501 -16.31 26.55 -6.79
N ALA A 502 -15.55 26.57 -7.87
CA ALA A 502 -15.97 27.23 -9.11
C ALA A 502 -17.17 26.54 -9.73
N LEU A 503 -17.28 25.24 -9.46
CA LEU A 503 -18.37 24.40 -9.96
C LEU A 503 -19.75 24.75 -9.39
N HIS A 504 -19.80 25.56 -8.34
CA HIS A 504 -21.10 26.04 -7.83
C HIS A 504 -21.69 27.01 -8.80
N ASN A 505 -20.83 27.70 -9.54
CA ASN A 505 -21.27 28.69 -10.52
C ASN A 505 -20.64 28.51 -11.90
N PRO A 506 -20.98 27.40 -12.60
CA PRO A 506 -20.43 27.15 -13.95
C PRO A 506 -21.08 28.04 -15.01
N ASN A 507 -20.29 28.47 -15.98
CA ASN A 507 -20.79 29.37 -17.04
C ASN A 507 -21.46 28.61 -18.18
N LEU A 508 -22.52 29.20 -18.74
CA LEU A 508 -23.18 28.63 -19.90
C LEU A 508 -22.43 29.04 -21.16
N SER A 509 -21.36 28.30 -21.43
CA SER A 509 -20.43 28.60 -22.52
C SER A 509 -19.79 27.33 -23.10
N VAL A 510 -19.20 27.47 -24.28
CA VAL A 510 -18.43 26.39 -24.90
C VAL A 510 -16.96 26.77 -24.86
N ASP A 511 -16.16 25.93 -24.20
CA ASP A 511 -14.75 26.24 -23.95
C ASP A 511 -13.94 24.98 -23.65
N GLU A 512 -12.66 25.16 -23.32
CA GLU A 512 -11.74 24.06 -23.11
C GLU A 512 -11.21 24.08 -21.69
N PRO A 513 -10.82 22.91 -21.15
CA PRO A 513 -10.03 22.95 -19.92
C PRO A 513 -8.71 23.67 -20.17
N LEU A 514 -8.21 24.37 -19.16
CA LEU A 514 -6.94 25.10 -19.24
C LEU A 514 -5.75 24.15 -19.20
N ASP A 515 -4.74 24.47 -20.00
CA ASP A 515 -3.50 23.70 -20.00
C ASP A 515 -2.67 24.17 -18.82
N VAL A 516 -2.68 23.40 -17.73
CA VAL A 516 -1.99 23.81 -16.50
C VAL A 516 -1.22 22.67 -15.83
N ASP A 517 -0.21 23.03 -15.04
CA ASP A 517 0.49 22.07 -14.19
C ASP A 517 -0.14 22.04 -12.79
N TYR A 518 -0.97 21.03 -12.55
CA TYR A 518 -1.74 20.91 -11.30
C TYR A 518 -0.86 20.65 -10.05
N ARG A 519 0.43 20.38 -10.27
CA ARG A 519 1.39 20.18 -9.16
C ARG A 519 1.74 21.50 -8.46
N PHE A 520 1.35 22.63 -9.06
CA PHE A 520 1.66 23.97 -8.54
C PHE A 520 0.39 24.76 -8.32
N ASP A 521 0.30 25.43 -7.16
CA ASP A 521 -0.84 26.25 -6.77
C ASP A 521 -1.23 27.22 -7.89
N PHE A 522 -2.53 27.27 -8.21
CA PHE A 522 -3.00 28.11 -9.31
C PHE A 522 -2.69 29.59 -9.08
N SER A 523 -2.11 30.24 -10.08
CA SER A 523 -1.88 31.68 -10.04
C SER A 523 -3.24 32.39 -10.05
N ASP A 524 -3.23 33.71 -9.86
CA ASP A 524 -4.46 34.49 -9.94
C ASP A 524 -5.10 34.47 -11.34
N GLU A 525 -4.27 34.45 -12.37
CA GLU A 525 -4.77 34.46 -13.75
C GLU A 525 -5.57 33.21 -14.04
N ILE A 526 -5.05 32.07 -13.59
CA ILE A 526 -5.71 30.78 -13.72
C ILE A 526 -7.02 30.76 -12.94
N LYS A 527 -6.96 31.21 -11.68
CA LYS A 527 -8.16 31.39 -10.85
C LYS A 527 -9.22 32.25 -11.54
N GLU A 528 -8.79 33.28 -12.24
CA GLU A 528 -9.74 34.17 -12.91
C GLU A 528 -10.41 33.46 -14.07
N LYS A 529 -9.61 32.77 -14.89
CA LYS A 529 -10.11 32.00 -16.03
C LYS A 529 -11.04 30.87 -15.61
N ILE A 530 -10.69 30.19 -14.52
CA ILE A 530 -11.50 29.10 -13.97
C ILE A 530 -12.95 29.53 -13.68
N LYS A 531 -13.12 30.73 -13.11
CA LYS A 531 -14.44 31.26 -12.77
C LYS A 531 -15.28 31.61 -13.98
N LYS A 532 -14.68 31.54 -15.16
CA LYS A 532 -15.39 31.80 -16.41
C LYS A 532 -15.70 30.53 -17.19
N LEU A 533 -15.27 29.37 -16.66
CA LEU A 533 -15.42 28.10 -17.39
C LEU A 533 -16.76 27.39 -17.22
N SER A 534 -17.10 26.60 -18.24
CA SER A 534 -18.24 25.70 -18.24
C SER A 534 -18.07 24.56 -17.24
N ALA A 535 -19.18 23.92 -16.90
CA ALA A 535 -19.20 22.71 -16.08
C ALA A 535 -18.37 21.58 -16.71
N LYS A 536 -18.55 21.39 -18.01
CA LYS A 536 -17.79 20.38 -18.77
C LYS A 536 -16.28 20.57 -18.59
N SER A 537 -15.79 21.79 -18.85
CA SER A 537 -14.36 22.06 -18.73
C SER A 537 -13.89 21.92 -17.27
N LEU A 538 -14.65 22.50 -16.33
CA LEU A 538 -14.33 22.41 -14.90
C LEU A 538 -14.17 20.96 -14.44
N ASN A 539 -15.13 20.12 -14.80
CA ASN A 539 -15.11 18.70 -14.43
C ASN A 539 -13.89 17.97 -14.94
N GLU A 540 -13.55 18.21 -16.20
CA GLU A 540 -12.35 17.60 -16.77
C GLU A 540 -11.10 18.05 -16.02
N MET A 541 -11.02 19.35 -15.72
CA MET A 541 -9.93 19.88 -14.88
C MET A 541 -9.88 19.20 -13.51
N LEU A 542 -11.05 18.99 -12.91
CA LEU A 542 -11.12 18.33 -11.62
C LEU A 542 -10.57 16.90 -11.74
N PHE A 543 -10.99 16.19 -12.79
CA PHE A 543 -10.48 14.83 -13.04
C PHE A 543 -8.97 14.87 -13.17
N ARG A 544 -8.44 15.86 -13.89
CA ARG A 544 -7.00 15.96 -14.11
C ARG A 544 -6.24 16.35 -12.85
N ALA A 545 -6.88 17.19 -12.03
CA ALA A 545 -6.31 17.66 -10.80
C ALA A 545 -6.16 16.49 -9.84
N GLN A 546 -7.22 15.67 -9.77
CA GLN A 546 -7.27 14.48 -8.92
C GLN A 546 -6.33 13.38 -9.38
N ARG A 547 -6.12 13.27 -10.69
CA ARG A 547 -5.08 12.36 -11.20
C ARG A 547 -3.68 12.77 -10.77
N THR A 548 -3.39 14.06 -10.89
CA THR A 548 -2.11 14.62 -10.43
C THR A 548 -1.90 14.36 -8.95
N GLU A 549 -2.96 14.55 -8.16
CA GLU A 549 -2.93 14.30 -6.73
C GLU A 549 -2.64 12.82 -6.44
N VAL A 550 -3.29 11.93 -7.18
CA VAL A 550 -3.02 10.49 -7.04
C VAL A 550 -1.56 10.19 -7.37
N ALA A 551 -1.05 10.82 -8.42
CA ALA A 551 0.35 10.63 -8.82
C ALA A 551 1.30 11.09 -7.70
N GLY A 552 1.00 12.24 -7.12
CA GLY A 552 1.73 12.78 -5.96
C GLY A 552 1.68 11.86 -4.74
N MET A 553 0.48 11.34 -4.45
CA MET A 553 0.27 10.40 -3.35
C MET A 553 1.10 9.12 -3.49
N THR A 554 1.07 8.50 -4.68
CA THR A 554 1.92 7.33 -4.94
C THR A 554 3.40 7.60 -4.67
N ALA A 555 3.89 8.71 -5.21
CA ALA A 555 5.31 9.05 -5.09
C ALA A 555 5.73 9.37 -3.66
N GLN A 556 4.88 10.11 -2.95
CA GLN A 556 5.23 10.54 -1.59
C GLN A 556 5.02 9.42 -0.57
N ILE A 557 3.84 8.78 -0.59
CA ILE A 557 3.51 7.83 0.50
C ILE A 557 4.42 6.59 0.51
N ASN A 558 4.82 6.15 -0.68
CA ASN A 558 5.69 5.00 -0.79
C ASN A 558 7.14 5.33 -0.51
N ARG A 559 7.49 6.60 -0.67
CA ARG A 559 8.80 7.09 -0.19
C ARG A 559 8.81 7.20 1.34
N LYS A 560 7.71 7.69 1.92
CA LYS A 560 7.51 7.61 3.38
C LYS A 560 7.57 6.16 3.88
N ALA A 561 6.97 5.24 3.11
CA ALA A 561 6.95 3.83 3.49
C ALA A 561 8.37 3.22 3.52
N LEU A 562 9.19 3.60 2.54
CA LEU A 562 10.58 3.16 2.48
C LEU A 562 11.42 3.65 3.69
N ILE A 563 11.32 4.94 3.99
CA ILE A 563 12.10 5.51 5.12
C ILE A 563 11.60 5.04 6.49
N ASN A 564 10.28 4.87 6.63
CA ASN A 564 9.72 4.22 7.81
C ASN A 564 10.16 2.76 7.89
N GLY A 565 10.35 2.15 6.70
CA GLY A 565 10.81 0.75 6.61
C GLY A 565 12.23 0.54 7.09
N LEU A 566 13.05 1.58 6.99
CA LEU A 566 14.42 1.51 7.53
C LEU A 566 14.40 1.47 9.07
N ALA A 567 13.59 2.33 9.67
CA ALA A 567 13.33 2.25 11.13
C ALA A 567 12.89 0.85 11.57
N GLY A 568 11.97 0.24 10.81
CA GLY A 568 11.51 -1.14 11.08
C GLY A 568 12.53 -2.22 10.77
N ALA A 569 13.33 -2.00 9.73
CA ALA A 569 14.40 -2.93 9.36
C ALA A 569 15.41 -3.14 10.48
N LEU A 570 15.68 -2.08 11.25
CA LEU A 570 16.57 -2.17 12.41
C LEU A 570 16.08 -3.22 13.43
N GLY A 571 14.79 -3.54 13.38
CA GLY A 571 14.21 -4.58 14.23
C GLY A 571 13.77 -5.84 13.51
N ASN A 572 14.36 -6.09 12.33
CA ASN A 572 14.15 -7.35 11.60
C ASN A 572 15.46 -8.14 11.55
N VAL A 573 15.41 -9.40 11.99
CA VAL A 573 16.62 -10.23 12.19
C VAL A 573 17.45 -10.49 10.92
N TRP A 574 16.84 -10.31 9.75
CA TRP A 574 17.54 -10.55 8.46
C TRP A 574 18.28 -9.35 7.92
N PHE A 575 18.06 -8.18 8.51
CA PHE A 575 18.73 -6.94 8.11
C PHE A 575 20.19 -6.96 8.56
N ARG A 576 21.09 -6.55 7.67
CA ARG A 576 22.54 -6.53 7.98
C ARG A 576 22.85 -5.69 9.21
N TYR A 577 22.06 -4.64 9.41
CA TYR A 577 22.27 -3.72 10.51
C TYR A 577 21.18 -3.88 11.60
N TYR A 578 20.61 -5.08 11.70
CA TYR A 578 19.72 -5.42 12.80
C TYR A 578 20.39 -5.06 14.12
N ASP A 579 19.69 -4.28 14.95
CA ASP A 579 20.19 -3.94 16.29
C ASP A 579 19.02 -3.44 17.13
N LEU A 580 18.65 -4.22 18.13
CA LEU A 580 17.54 -3.84 19.00
C LEU A 580 17.81 -2.57 19.83
N ARG A 581 19.08 -2.26 20.06
CA ARG A 581 19.47 -0.99 20.69
C ARG A 581 19.08 0.24 19.86
N ASN A 582 19.25 0.14 18.55
CA ASN A 582 18.86 1.25 17.68
C ASN A 582 17.36 1.26 17.43
N ALA A 583 16.76 0.10 17.23
CA ALA A 583 15.31 0.00 16.96
C ALA A 583 14.53 0.54 18.15
N THR A 584 14.96 0.16 19.37
CA THR A 584 14.32 0.68 20.58
C THR A 584 14.71 2.13 20.90
N ALA A 585 15.91 2.58 20.50
CA ALA A 585 16.26 3.99 20.67
C ALA A 585 15.23 4.87 19.99
N ILE A 586 14.84 4.50 18.78
CA ILE A 586 13.83 5.27 18.00
C ILE A 586 12.47 5.28 18.69
N THR A 587 11.96 4.09 18.98
CA THR A 587 10.58 3.95 19.48
C THR A 587 10.46 4.57 20.87
N THR A 588 11.46 4.37 21.73
CA THR A 588 11.46 4.94 23.09
C THR A 588 11.54 6.48 23.11
N PHE A 589 12.41 7.07 22.27
CA PHE A 589 12.47 8.51 22.07
C PHE A 589 11.08 9.03 21.62
N GLY A 590 10.46 8.32 20.69
CA GLY A 590 9.11 8.67 20.23
C GLY A 590 8.13 8.71 21.39
N GLN A 591 8.23 7.74 22.31
CA GLN A 591 7.34 7.72 23.49
C GLN A 591 7.51 8.96 24.35
N MET A 592 8.77 9.33 24.60
CA MET A 592 9.10 10.52 25.35
C MET A 592 8.59 11.77 24.65
N ALA A 593 8.85 11.88 23.34
CA ALA A 593 8.53 13.09 22.58
C ALA A 593 7.05 13.44 22.71
N LEU A 594 6.20 12.44 22.54
CA LEU A 594 4.76 12.63 22.58
C LEU A 594 4.33 13.08 23.98
N GLN A 595 4.76 12.34 25.00
CA GLN A 595 4.38 12.66 26.37
C GLN A 595 4.99 13.97 26.87
N TRP A 596 6.20 14.28 26.39
CA TRP A 596 6.86 15.55 26.65
C TRP A 596 6.01 16.68 26.10
N ILE A 597 5.65 16.58 24.83
CA ILE A 597 4.94 17.67 24.20
C ILE A 597 3.50 17.77 24.68
N GLU A 598 2.95 16.67 25.19
CA GLU A 598 1.62 16.71 25.73
C GLU A 598 1.63 17.59 26.98
N ARG A 599 2.65 17.40 27.82
CA ARG A 599 2.85 18.17 29.05
C ARG A 599 3.02 19.66 28.73
N LYS A 600 3.85 19.94 27.73
CA LYS A 600 4.13 21.31 27.30
C LYS A 600 2.91 22.04 26.72
N VAL A 601 2.11 21.33 25.93
CA VAL A 601 0.95 21.97 25.31
C VAL A 601 -0.11 22.21 26.39
N ASN A 602 -0.27 21.25 27.29
CA ASN A 602 -1.13 21.43 28.46
C ASN A 602 -0.75 22.66 29.29
N GLU A 603 0.54 22.76 29.62
CA GLU A 603 1.08 23.87 30.39
C GLU A 603 0.87 25.20 29.69
N TYR A 604 1.14 25.25 28.39
CA TYR A 604 0.97 26.46 27.62
C TYR A 604 -0.50 26.92 27.58
N LEU A 605 -1.41 26.00 27.42
CA LEU A 605 -2.81 26.38 27.28
C LEU A 605 -3.47 26.74 28.61
N ASN A 606 -3.08 26.03 29.68
CA ASN A 606 -3.50 26.38 31.04
C ASN A 606 -3.11 27.81 31.40
N GLU A 607 -1.89 28.19 31.02
CA GLU A 607 -1.41 29.57 31.14
C GLU A 607 -2.26 30.53 30.30
N VAL A 608 -2.39 30.26 28.99
CA VAL A 608 -3.24 31.06 28.11
C VAL A 608 -4.67 31.24 28.68
N CYS A 609 -5.23 30.18 29.23
CA CYS A 609 -6.61 30.22 29.75
C CYS A 609 -6.72 30.56 31.24
N GLY A 610 -5.58 30.72 31.89
CA GLY A 610 -5.53 31.07 33.30
C GLY A 610 -6.15 30.01 34.20
N THR A 611 -5.82 28.76 33.92
CA THR A 611 -6.30 27.63 34.73
C THR A 611 -5.12 26.81 35.27
N GLU A 612 -5.44 25.70 35.94
CA GLU A 612 -4.40 24.80 36.42
C GLU A 612 -4.91 23.36 36.46
N GLY A 613 -4.10 22.45 35.90
CA GLY A 613 -4.38 21.02 35.95
C GLY A 613 -5.37 20.49 34.93
N GLU A 614 -5.92 21.36 34.08
CA GLU A 614 -6.82 20.92 33.02
C GLU A 614 -6.12 20.25 31.82
N ALA A 615 -6.75 19.19 31.31
CA ALA A 615 -6.26 18.49 30.15
C ALA A 615 -6.81 19.12 28.86
N PHE A 616 -5.92 19.65 28.02
CA PHE A 616 -6.28 20.17 26.70
C PHE A 616 -5.98 19.14 25.63
N VAL A 617 -4.93 18.35 25.86
CA VAL A 617 -4.63 17.21 25.01
C VAL A 617 -5.52 16.04 25.45
N LEU A 618 -6.46 15.65 24.58
CA LEU A 618 -7.44 14.60 24.91
C LEU A 618 -6.97 13.24 24.43
N TYR A 619 -6.05 13.24 23.46
CA TYR A 619 -5.63 12.01 22.81
C TYR A 619 -4.32 12.16 22.07
N GLY A 620 -3.67 11.03 21.85
CA GLY A 620 -2.48 11.00 21.04
C GLY A 620 -2.06 9.57 20.80
N ASP A 621 -1.41 9.37 19.66
CA ASP A 621 -1.01 8.04 19.19
C ASP A 621 0.33 8.20 18.47
N THR A 622 1.38 7.66 19.08
CA THR A 622 2.72 7.59 18.48
C THR A 622 3.46 8.94 18.42
N ASP A 623 2.97 9.86 17.58
CA ASP A 623 3.66 11.10 17.28
C ASP A 623 2.66 12.25 17.11
N SER A 624 1.45 12.06 17.63
CA SER A 624 0.36 13.00 17.34
C SER A 624 -0.32 13.45 18.61
N ILE A 625 -0.88 14.66 18.59
CA ILE A 625 -1.71 15.15 19.70
C ILE A 625 -3.01 15.74 19.15
N TYR A 626 -4.07 15.60 19.95
CA TYR A 626 -5.40 16.16 19.66
C TYR A 626 -5.81 17.08 20.81
N VAL A 627 -6.00 18.35 20.47
CA VAL A 627 -6.18 19.40 21.44
C VAL A 627 -7.61 19.90 21.40
N SER A 628 -8.25 19.91 22.57
CA SER A 628 -9.57 20.51 22.70
C SER A 628 -9.44 22.03 22.54
N ALA A 629 -10.23 22.59 21.62
CA ALA A 629 -10.21 24.03 21.36
C ALA A 629 -11.51 24.75 21.74
N ASP A 630 -12.36 24.07 22.51
CA ASP A 630 -13.62 24.65 23.00
C ASP A 630 -13.39 25.98 23.71
N LYS A 631 -12.41 25.97 24.62
CA LYS A 631 -12.09 27.17 25.40
C LYS A 631 -11.55 28.34 24.58
N ILE A 632 -10.78 28.06 23.53
CA ILE A 632 -10.27 29.09 22.61
C ILE A 632 -11.45 29.77 21.90
N ILE A 633 -12.31 28.96 21.31
CA ILE A 633 -13.54 29.44 20.66
C ILE A 633 -14.44 30.21 21.63
N ASP A 634 -14.63 29.67 22.83
CA ASP A 634 -15.47 30.30 23.84
C ASP A 634 -14.90 31.62 24.36
N LYS A 635 -13.57 31.78 24.34
CA LYS A 635 -12.96 33.03 24.77
C LYS A 635 -13.29 34.21 23.83
N VAL A 636 -13.65 33.90 22.58
CA VAL A 636 -14.13 34.95 21.69
C VAL A 636 -15.65 34.91 21.64
N GLY A 637 -16.21 33.71 21.83
CA GLY A 637 -17.67 33.54 21.83
C GLY A 637 -18.17 33.33 20.42
N GLU A 638 -18.94 32.26 20.24
CA GLU A 638 -19.50 31.89 18.93
C GLU A 638 -20.23 33.02 18.22
N SER A 639 -20.86 33.91 19.00
CA SER A 639 -21.64 35.05 18.46
C SER A 639 -20.80 36.01 17.63
N LYS A 640 -19.49 35.98 17.83
CA LYS A 640 -18.59 36.87 17.10
C LYS A 640 -18.28 36.41 15.66
N PHE A 641 -18.53 35.14 15.35
CA PHE A 641 -18.16 34.59 14.02
C PHE A 641 -19.24 34.74 12.95
N ARG A 642 -18.81 35.13 11.74
CA ARG A 642 -19.72 35.37 10.64
C ARG A 642 -20.31 34.08 10.07
N ASP A 643 -19.44 33.08 9.92
CA ASP A 643 -19.75 31.78 9.36
C ASP A 643 -18.68 30.77 9.84
N THR A 644 -18.83 29.51 9.47
CA THR A 644 -17.91 28.45 9.90
C THR A 644 -16.48 28.76 9.48
N ASN A 645 -16.29 29.18 8.22
CA ASN A 645 -14.96 29.51 7.71
C ASN A 645 -14.24 30.57 8.54
N HIS A 646 -15.01 31.45 9.18
CA HIS A 646 -14.45 32.49 10.05
C HIS A 646 -13.76 31.92 11.26
N TRP A 647 -14.43 31.05 12.03
CA TRP A 647 -13.75 30.38 13.16
C TRP A 647 -12.66 29.41 12.75
N VAL A 648 -12.76 28.92 11.52
CA VAL A 648 -11.71 28.05 10.98
C VAL A 648 -10.42 28.82 10.76
N ASP A 649 -10.54 30.03 10.19
CA ASP A 649 -9.40 30.94 10.00
C ASP A 649 -8.80 31.31 11.35
N PHE A 650 -9.67 31.58 12.31
CA PHE A 650 -9.25 31.95 13.65
C PHE A 650 -8.44 30.82 14.30
N LEU A 651 -8.94 29.59 14.24
CA LEU A 651 -8.22 28.43 14.80
C LEU A 651 -6.95 28.13 14.02
N ASP A 652 -7.03 28.24 12.69
CA ASP A 652 -5.86 28.12 11.81
C ASP A 652 -4.77 29.11 12.26
N LYS A 653 -5.17 30.37 12.42
CA LYS A 653 -4.26 31.42 12.87
C LYS A 653 -3.71 31.15 14.28
N PHE A 654 -4.57 30.71 15.21
CA PHE A 654 -4.12 30.39 16.57
C PHE A 654 -3.08 29.28 16.56
N ALA A 655 -3.30 28.24 15.74
CA ALA A 655 -2.38 27.11 15.62
C ALA A 655 -1.02 27.54 15.05
N ARG A 656 -1.06 28.34 13.98
CA ARG A 656 0.17 28.75 13.33
C ARG A 656 0.98 29.71 14.20
N GLU A 657 0.31 30.70 14.78
CA GLU A 657 1.01 31.82 15.42
C GLU A 657 1.26 31.67 16.92
N ARG A 658 0.46 30.82 17.58
CA ARG A 658 0.60 30.63 19.02
C ARG A 658 1.02 29.21 19.39
N MET A 659 0.29 28.23 18.88
CA MET A 659 0.52 26.82 19.21
C MET A 659 1.87 26.28 18.74
N GLU A 660 2.14 26.43 17.45
CA GLU A 660 3.35 25.87 16.85
C GLU A 660 4.64 26.48 17.42
N PRO A 661 4.70 27.81 17.60
CA PRO A 661 5.88 28.35 18.28
C PRO A 661 6.03 27.80 19.71
N ALA A 662 4.91 27.60 20.40
CA ALA A 662 4.94 27.02 21.76
C ALA A 662 5.47 25.59 21.71
N ILE A 663 4.97 24.84 20.73
CA ILE A 663 5.35 23.45 20.48
C ILE A 663 6.85 23.36 20.12
N ASP A 664 7.31 24.27 19.27
CA ASP A 664 8.70 24.29 18.82
C ASP A 664 9.64 24.56 19.99
N ARG A 665 9.26 25.48 20.88
CA ARG A 665 10.07 25.80 22.05
C ARG A 665 10.19 24.59 22.97
N GLY A 666 9.05 23.91 23.18
CA GLY A 666 9.00 22.68 23.95
C GLY A 666 9.96 21.63 23.42
N PHE A 667 9.98 21.45 22.09
CA PHE A 667 10.91 20.47 21.49
C PHE A 667 12.37 20.89 21.49
N ARG A 668 12.65 22.17 21.24
CA ARG A 668 14.05 22.65 21.32
C ARG A 668 14.62 22.41 22.71
N GLU A 669 13.80 22.57 23.75
CA GLU A 669 14.26 22.25 25.10
C GLU A 669 14.60 20.76 25.20
N MET A 670 13.69 19.92 24.70
CA MET A 670 13.86 18.47 24.72
C MET A 670 15.14 18.00 24.00
N CYS A 671 15.41 18.60 22.84
CA CYS A 671 16.64 18.37 22.07
C CYS A 671 17.90 18.62 22.90
N GLU A 672 17.91 19.74 23.62
CA GLU A 672 19.04 20.08 24.50
C GLU A 672 19.10 19.17 25.72
N TYR A 673 17.94 18.80 26.26
CA TYR A 673 17.87 17.84 27.36
C TYR A 673 18.55 16.53 26.99
N MET A 674 18.21 16.02 25.80
CA MET A 674 18.86 14.83 25.23
C MET A 674 20.20 15.07 24.53
N ASN A 675 20.65 16.33 24.44
CA ASN A 675 21.93 16.71 23.75
C ASN A 675 21.97 16.21 22.29
N ASN A 676 20.82 16.26 21.61
CA ASN A 676 20.75 15.72 20.26
C ASN A 676 21.55 16.52 19.23
N LYS A 677 21.81 15.90 18.09
CA LYS A 677 22.71 16.51 17.12
C LYS A 677 22.01 17.67 16.41
N GLN A 678 20.73 17.52 16.12
CA GLN A 678 19.99 18.55 15.40
C GLN A 678 18.51 18.48 15.74
N HIS A 679 17.88 19.63 15.92
CA HIS A 679 16.47 19.68 16.25
C HIS A 679 15.64 19.46 15.02
N LEU A 680 14.88 18.37 15.01
CA LEU A 680 14.11 18.03 13.79
C LEU A 680 12.71 17.57 14.10
N MET A 681 12.27 17.77 15.35
CA MET A 681 10.90 17.45 15.73
C MET A 681 9.98 18.60 15.32
N PHE A 682 9.37 18.48 14.15
CA PHE A 682 8.48 19.50 13.61
C PHE A 682 7.03 19.03 13.64
N MET A 683 6.27 19.51 14.60
CA MET A 683 4.91 19.03 14.84
C MET A 683 3.89 20.04 14.29
N ASP A 684 3.59 19.89 13.02
CA ASP A 684 2.68 20.79 12.31
C ASP A 684 1.23 20.46 12.52
N ARG A 685 0.40 21.48 12.32
CA ARG A 685 -1.03 21.32 12.48
C ARG A 685 -1.55 20.44 11.35
N GLU A 686 -2.35 19.44 11.72
CA GLU A 686 -2.97 18.57 10.76
C GLU A 686 -4.42 19.00 10.51
N ALA A 687 -5.31 18.71 11.46
CA ALA A 687 -6.74 18.91 11.28
C ALA A 687 -7.31 20.02 12.13
N ILE A 688 -8.31 20.71 11.58
CA ILE A 688 -9.12 21.67 12.34
C ILE A 688 -10.56 21.23 12.20
N ALA A 689 -11.19 20.92 13.34
CA ALA A 689 -12.45 20.21 13.35
C ALA A 689 -13.47 20.84 14.29
N GLY A 690 -14.73 20.81 13.88
CA GLY A 690 -15.84 21.31 14.69
C GLY A 690 -17.14 21.18 13.93
N PRO A 691 -18.28 21.41 14.60
CA PRO A 691 -19.56 21.34 13.90
C PRO A 691 -19.76 22.59 13.02
N PRO A 692 -20.67 22.50 12.02
CA PRO A 692 -20.98 23.71 11.28
C PRO A 692 -21.53 24.78 12.21
N LEU A 693 -21.08 26.03 12.03
CA LEU A 693 -21.56 27.14 12.86
C LEU A 693 -23.08 27.19 12.86
N GLY A 694 -23.67 27.24 14.04
CA GLY A 694 -25.13 27.36 14.19
C GLY A 694 -25.87 26.05 14.26
N SER A 695 -25.17 24.94 14.05
CA SER A 695 -25.82 23.63 13.97
C SER A 695 -25.92 22.94 15.34
N LYS A 696 -26.61 21.81 15.39
CA LYS A 696 -26.54 20.91 16.56
C LYS A 696 -25.55 19.74 16.34
N GLY A 697 -24.68 19.85 15.34
CA GLY A 697 -23.64 18.83 15.12
C GLY A 697 -22.70 18.73 16.33
N ILE A 698 -22.20 17.52 16.63
CA ILE A 698 -21.38 17.35 17.83
C ILE A 698 -19.89 17.54 17.54
N GLY A 699 -19.54 17.64 16.25
CA GLY A 699 -18.17 17.93 15.85
C GLY A 699 -17.25 16.72 15.77
N GLY A 700 -17.16 15.96 16.85
CA GLY A 700 -16.33 14.77 16.87
C GLY A 700 -16.66 13.88 18.06
N PHE A 701 -16.10 12.67 18.06
CA PHE A 701 -16.17 11.76 19.21
C PHE A 701 -15.03 10.74 19.17
N TRP A 702 -14.70 10.19 20.34
CA TRP A 702 -13.73 9.09 20.49
C TRP A 702 -14.46 8.02 21.23
N THR A 703 -14.26 6.76 20.85
CA THR A 703 -14.79 5.63 21.66
C THR A 703 -13.68 4.93 22.44
N GLY A 704 -12.44 5.05 21.99
CA GLY A 704 -11.32 4.33 22.65
C GLY A 704 -10.09 4.63 21.85
N LYS A 705 -8.95 3.99 22.20
CA LYS A 705 -7.74 4.15 21.40
C LYS A 705 -8.02 3.76 19.94
N LYS A 706 -7.42 4.50 19.02
CA LYS A 706 -7.48 4.19 17.58
C LYS A 706 -8.91 4.10 17.03
N ARG A 707 -9.84 4.80 17.69
CA ARG A 707 -11.25 4.76 17.29
C ARG A 707 -11.90 6.11 17.52
N TYR A 708 -12.05 6.88 16.44
CA TYR A 708 -12.58 8.24 16.54
C TYR A 708 -13.08 8.77 15.21
N ALA A 709 -13.82 9.88 15.29
CA ALA A 709 -14.30 10.56 14.09
C ALA A 709 -14.33 12.06 14.31
N LEU A 710 -13.97 12.82 13.27
CA LEU A 710 -13.89 14.27 13.32
C LEU A 710 -14.44 14.91 12.06
N ASN A 711 -15.19 16.00 12.25
CA ASN A 711 -15.66 16.81 11.13
C ASN A 711 -14.66 17.92 10.75
N VAL A 712 -13.89 17.67 9.70
CA VAL A 712 -12.71 18.46 9.39
C VAL A 712 -12.97 19.49 8.31
N TRP A 713 -12.50 20.72 8.53
CA TRP A 713 -12.69 21.83 7.60
C TRP A 713 -11.43 22.22 6.88
N ASP A 714 -10.30 21.88 7.48
CA ASP A 714 -9.00 22.19 6.94
C ASP A 714 -8.04 21.09 7.38
N MET A 715 -7.35 20.52 6.40
CA MET A 715 -6.42 19.41 6.61
C MET A 715 -5.09 19.77 5.96
N GLU A 716 -4.06 19.92 6.79
CA GLU A 716 -2.70 20.25 6.33
C GLU A 716 -2.65 21.39 5.29
N GLY A 717 -3.52 22.37 5.50
CA GLY A 717 -3.52 23.56 4.67
C GLY A 717 -4.51 23.52 3.54
N THR A 718 -5.20 22.39 3.38
CA THR A 718 -6.27 22.29 2.39
C THR A 718 -7.60 22.71 3.01
N ARG A 719 -8.16 23.79 2.50
CA ARG A 719 -9.47 24.25 2.95
C ARG A 719 -10.52 23.68 2.02
N TYR A 720 -11.39 22.84 2.57
CA TYR A 720 -12.34 22.10 1.76
C TYR A 720 -13.53 22.96 1.37
N ALA A 721 -13.97 22.85 0.12
CA ALA A 721 -15.27 23.39 -0.30
C ALA A 721 -16.39 22.83 0.60
N GLU A 722 -16.28 21.56 0.98
CA GLU A 722 -17.27 20.91 1.85
C GLU A 722 -16.56 20.15 2.98
N PRO A 723 -17.14 20.16 4.19
CA PRO A 723 -16.47 19.46 5.31
C PRO A 723 -16.20 17.99 4.99
N LYS A 724 -15.10 17.44 5.47
CA LYS A 724 -14.78 16.05 5.19
C LYS A 724 -14.67 15.28 6.51
N LEU A 725 -15.20 14.07 6.57
CA LEU A 725 -15.06 13.26 7.78
C LEU A 725 -13.70 12.59 7.83
N LYS A 726 -12.95 12.82 8.90
CA LYS A 726 -11.79 11.98 9.16
C LYS A 726 -12.25 10.93 10.17
N ILE A 727 -12.33 9.69 9.71
CA ILE A 727 -12.77 8.60 10.58
C ILE A 727 -11.64 7.62 10.67
N MET A 728 -11.26 7.26 11.88
CA MET A 728 -10.22 6.26 12.05
C MET A 728 -10.68 5.07 12.89
N GLY A 729 -10.36 3.87 12.43
CA GLY A 729 -10.56 2.63 13.19
C GLY A 729 -11.99 2.09 13.26
N LEU A 730 -12.97 2.99 13.20
CA LEU A 730 -14.38 2.60 13.31
C LEU A 730 -14.79 1.73 12.14
N GLU A 731 -15.94 1.07 12.28
CA GLU A 731 -16.36 0.05 11.34
C GLU A 731 -16.51 0.56 9.89
N THR A 732 -16.73 1.85 9.73
CA THR A 732 -16.80 2.42 8.38
C THR A 732 -15.49 2.24 7.63
N GLN A 733 -14.39 2.03 8.38
CA GLN A 733 -13.03 1.95 7.81
C GLN A 733 -12.48 0.54 7.58
N LYS A 734 -13.22 -0.47 8.02
CA LYS A 734 -12.76 -1.85 7.96
C LYS A 734 -13.30 -2.58 6.73
N SER A 735 -12.42 -3.27 6.00
CA SER A 735 -12.85 -4.12 4.87
C SER A 735 -13.78 -5.28 5.29
N SER A 736 -13.77 -5.67 6.56
CA SER A 736 -14.70 -6.70 7.08
C SER A 736 -16.16 -6.26 7.22
N THR A 737 -16.42 -4.96 7.21
CA THR A 737 -17.79 -4.48 7.39
C THR A 737 -18.50 -4.46 6.04
N PRO A 738 -19.74 -5.01 5.95
CA PRO A 738 -20.49 -5.00 4.69
C PRO A 738 -20.49 -3.64 4.04
N LYS A 739 -20.42 -3.62 2.71
CA LYS A 739 -20.39 -2.40 1.92
C LYS A 739 -21.50 -1.43 2.28
N ALA A 740 -22.74 -1.91 2.32
CA ALA A 740 -23.89 -1.06 2.59
C ALA A 740 -23.93 -0.61 4.04
N VAL A 741 -23.43 -1.45 4.95
CA VAL A 741 -23.32 -1.07 6.36
C VAL A 741 -22.26 0.01 6.61
N GLN A 742 -21.12 -0.07 5.93
CA GLN A 742 -20.10 0.99 5.97
C GLN A 742 -20.75 2.34 5.61
N LYS A 743 -21.53 2.32 4.55
CA LYS A 743 -22.19 3.52 4.01
C LYS A 743 -23.22 4.09 4.98
N ALA A 744 -24.08 3.22 5.54
CA ALA A 744 -25.07 3.67 6.52
C ALA A 744 -24.47 4.18 7.82
N LEU A 745 -23.46 3.48 8.31
CA LEU A 745 -22.74 3.94 9.50
C LEU A 745 -22.03 5.28 9.27
N LYS A 746 -21.39 5.45 8.11
CA LYS A 746 -20.77 6.74 7.76
C LYS A 746 -21.78 7.90 7.77
N GLU A 747 -22.97 7.63 7.25
CA GLU A 747 -24.03 8.63 7.22
C GLU A 747 -24.56 8.93 8.64
N CYS A 748 -24.68 7.91 9.48
CA CYS A 748 -25.01 8.11 10.90
C CYS A 748 -24.02 9.05 11.59
N ILE A 749 -22.73 8.79 11.37
CA ILE A 749 -21.66 9.62 11.84
C ILE A 749 -21.69 11.04 11.24
N ARG A 750 -21.95 11.16 9.94
CA ARG A 750 -22.06 12.47 9.35
C ARG A 750 -23.12 13.27 10.10
N ARG A 751 -24.31 12.69 10.24
CA ARG A 751 -25.41 13.35 10.93
C ARG A 751 -25.10 13.69 12.40
N MET A 752 -24.48 12.75 13.13
CA MET A 752 -24.02 13.02 14.51
C MET A 752 -23.12 14.26 14.57
N LEU A 753 -22.11 14.31 13.69
CA LEU A 753 -21.07 15.36 13.73
C LEU A 753 -21.51 16.68 13.12
N GLN A 754 -22.47 16.64 12.20
CA GLN A 754 -22.81 17.83 11.43
C GLN A 754 -24.20 18.38 11.75
N GLU A 755 -25.09 17.53 12.24
CA GLU A 755 -26.50 17.92 12.36
C GLU A 755 -27.08 17.66 13.74
N GLY A 756 -26.71 16.55 14.36
CA GLY A 756 -27.15 16.32 15.72
C GLY A 756 -27.98 15.07 15.95
N GLU A 757 -28.46 14.93 17.17
CA GLU A 757 -29.09 13.70 17.63
C GLU A 757 -30.37 13.35 16.88
N GLU A 758 -31.18 14.36 16.59
CA GLU A 758 -32.49 14.14 15.98
C GLU A 758 -32.32 13.70 14.53
N SER A 759 -31.37 14.31 13.84
CA SER A 759 -31.07 13.90 12.47
C SER A 759 -30.61 12.43 12.39
N LEU A 760 -29.77 12.03 13.35
CA LEU A 760 -29.32 10.64 13.49
C LEU A 760 -30.51 9.70 13.73
N GLN A 761 -31.39 10.08 14.64
CA GLN A 761 -32.56 9.26 14.98
C GLN A 761 -33.48 9.08 13.78
N GLU A 762 -33.65 10.13 12.98
CA GLU A 762 -34.44 10.03 11.76
C GLU A 762 -33.80 9.05 10.75
N TYR A 763 -32.49 9.06 10.64
CA TYR A 763 -31.83 8.18 9.67
C TYR A 763 -31.84 6.72 10.11
N PHE A 764 -31.64 6.49 11.39
CA PHE A 764 -31.58 5.14 11.92
C PHE A 764 -32.92 4.44 11.70
N LYS A 765 -34.00 5.13 12.03
CA LYS A 765 -35.35 4.59 11.90
C LYS A 765 -35.59 4.16 10.44
N GLU A 766 -35.11 4.97 9.49
CA GLU A 766 -35.28 4.64 8.06
C GLU A 766 -34.44 3.42 7.64
N PHE A 767 -33.18 3.40 8.04
CA PHE A 767 -32.30 2.28 7.68
C PHE A 767 -32.83 0.95 8.22
N GLU A 768 -33.21 0.94 9.50
CA GLU A 768 -33.78 -0.25 10.16
C GLU A 768 -35.01 -0.78 9.42
N LYS A 769 -35.86 0.14 8.97
CA LYS A 769 -37.08 -0.23 8.25
C LYS A 769 -36.82 -0.78 6.83
N GLU A 770 -35.79 -0.27 6.15
CA GLU A 770 -35.62 -0.57 4.72
C GLU A 770 -34.53 -1.57 4.36
N PHE A 771 -33.62 -1.85 5.29
CA PHE A 771 -32.38 -2.55 4.95
C PHE A 771 -32.52 -3.97 4.37
N ARG A 772 -33.64 -4.65 4.66
CA ARG A 772 -33.88 -6.00 4.15
C ARG A 772 -33.91 -6.08 2.61
N GLN A 773 -34.12 -4.94 1.97
CA GLN A 773 -34.11 -4.85 0.52
C GLN A 773 -32.69 -4.73 -0.06
N LEU A 774 -31.70 -4.55 0.81
CA LEU A 774 -30.33 -4.41 0.31
C LEU A 774 -29.86 -5.72 -0.34
N ASN A 775 -29.16 -5.60 -1.47
CA ASN A 775 -28.63 -6.74 -2.18
C ASN A 775 -27.73 -7.52 -1.23
N TYR A 776 -27.86 -8.85 -1.25
CA TYR A 776 -27.18 -9.72 -0.28
C TYR A 776 -25.68 -9.52 -0.20
N ILE A 777 -25.06 -9.17 -1.33
CA ILE A 777 -23.61 -8.97 -1.40
C ILE A 777 -23.23 -7.73 -0.59
N SER A 778 -24.01 -6.65 -0.75
CA SER A 778 -23.82 -5.41 -0.01
C SER A 778 -23.95 -5.54 1.51
N ILE A 779 -24.59 -6.61 1.99
CA ILE A 779 -24.78 -6.80 3.44
C ILE A 779 -24.04 -8.02 4.00
N ALA A 780 -23.20 -8.62 3.16
CA ALA A 780 -22.33 -9.70 3.61
C ALA A 780 -21.04 -9.20 4.27
N SER A 781 -20.68 -9.78 5.42
CA SER A 781 -19.39 -9.50 6.06
C SER A 781 -18.27 -10.11 5.23
N VAL A 782 -17.01 -9.72 5.49
CA VAL A 782 -15.86 -10.17 4.69
C VAL A 782 -14.73 -10.57 5.65
N SER A 783 -14.03 -11.66 5.34
CA SER A 783 -12.90 -12.08 6.16
C SER A 783 -11.93 -12.91 5.34
N SER A 784 -10.64 -12.72 5.57
CA SER A 784 -9.64 -13.67 5.08
C SER A 784 -9.95 -15.02 5.69
N ALA A 785 -9.60 -16.09 4.98
CA ALA A 785 -9.83 -17.44 5.45
C ALA A 785 -8.53 -18.25 5.47
N ASN A 786 -7.93 -18.36 6.64
CA ASN A 786 -6.71 -19.16 6.82
C ASN A 786 -7.03 -20.42 7.61
N ASN A 787 -6.27 -21.49 7.33
CA ASN A 787 -6.37 -22.75 8.08
C ASN A 787 -7.69 -23.49 7.98
N ILE A 788 -8.30 -23.49 6.80
CA ILE A 788 -9.59 -24.16 6.59
C ILE A 788 -9.49 -25.66 6.90
N ALA A 789 -8.32 -26.22 6.60
CA ALA A 789 -8.03 -27.63 6.83
C ALA A 789 -7.97 -27.98 8.31
N LYS A 790 -7.22 -27.20 9.09
CA LYS A 790 -7.06 -27.43 10.52
C LYS A 790 -8.40 -27.56 11.28
N TYR A 791 -9.43 -26.90 10.79
CA TYR A 791 -10.74 -26.84 11.48
C TYR A 791 -11.80 -27.71 10.82
N ASP A 792 -11.40 -28.42 9.76
CA ASP A 792 -12.27 -29.31 9.03
C ASP A 792 -12.15 -30.73 9.61
N VAL A 793 -13.20 -31.17 10.30
CA VAL A 793 -13.26 -32.53 10.85
C VAL A 793 -14.38 -33.30 10.17
N GLY A 794 -14.01 -34.09 9.16
CA GLY A 794 -14.98 -34.79 8.32
C GLY A 794 -16.01 -33.89 7.64
N GLY A 795 -15.63 -32.64 7.39
CA GLY A 795 -16.53 -31.67 6.75
C GLY A 795 -17.38 -30.89 7.73
N PHE A 796 -17.12 -31.08 9.02
CA PHE A 796 -17.82 -30.35 10.07
C PHE A 796 -16.82 -29.54 10.92
N PRO A 797 -17.33 -28.50 11.64
CA PRO A 797 -16.43 -27.67 12.46
C PRO A 797 -15.82 -28.40 13.64
N GLY A 798 -14.49 -28.35 13.75
CA GLY A 798 -13.78 -28.87 14.93
C GLY A 798 -13.82 -27.86 16.07
N PRO A 799 -13.18 -28.19 17.22
CA PRO A 799 -13.12 -27.28 18.36
C PRO A 799 -12.54 -25.92 17.99
N LYS A 800 -13.07 -24.87 18.61
CA LYS A 800 -12.60 -23.49 18.42
C LYS A 800 -12.69 -22.97 16.96
N CYS A 801 -13.59 -23.55 16.17
CA CYS A 801 -13.73 -23.19 14.76
C CYS A 801 -14.16 -21.73 14.57
N PRO A 802 -13.32 -20.92 13.88
CA PRO A 802 -13.76 -19.56 13.61
C PRO A 802 -15.09 -19.53 12.88
N PHE A 803 -15.88 -18.50 13.15
CA PHE A 803 -17.16 -18.27 12.52
C PHE A 803 -17.09 -18.24 11.00
N HIS A 804 -16.14 -17.49 10.45
CA HIS A 804 -16.00 -17.44 8.99
C HIS A 804 -15.60 -18.76 8.37
N ILE A 805 -14.85 -19.56 9.14
CA ILE A 805 -14.40 -20.89 8.70
C ILE A 805 -15.58 -21.87 8.73
N ARG A 806 -16.41 -21.79 9.77
CA ARG A 806 -17.68 -22.53 9.82
C ARG A 806 -18.53 -22.28 8.56
N GLY A 807 -18.60 -21.03 8.11
CA GLY A 807 -19.37 -20.68 6.92
C GLY A 807 -18.83 -21.40 5.71
N ILE A 808 -17.52 -21.43 5.58
CA ILE A 808 -16.85 -22.12 4.46
C ILE A 808 -17.14 -23.62 4.44
N LEU A 809 -17.12 -24.26 5.61
CA LEU A 809 -17.36 -25.70 5.70
C LEU A 809 -18.81 -26.00 5.32
N THR A 810 -19.71 -25.11 5.75
CA THR A 810 -21.12 -25.19 5.35
C THR A 810 -21.25 -25.09 3.84
N TYR A 811 -20.54 -24.13 3.23
CA TYR A 811 -20.47 -24.00 1.77
C TYR A 811 -19.94 -25.27 1.09
N ASN A 812 -18.84 -25.80 1.62
CA ASN A 812 -18.22 -27.02 1.08
C ASN A 812 -19.16 -28.24 1.04
N ARG A 813 -19.93 -28.43 2.11
CA ARG A 813 -20.93 -29.51 2.16
C ARG A 813 -22.01 -29.30 1.10
N ALA A 814 -22.50 -28.05 1.01
CA ALA A 814 -23.58 -27.72 0.08
C ALA A 814 -23.21 -27.84 -1.41
N ILE A 815 -21.92 -27.70 -1.74
CA ILE A 815 -21.46 -27.85 -3.13
C ILE A 815 -20.75 -29.18 -3.41
N LYS A 816 -20.48 -29.95 -2.36
CA LYS A 816 -19.74 -31.20 -2.44
C LYS A 816 -20.20 -32.07 -3.62
N GLY A 817 -19.24 -32.60 -4.36
CA GLY A 817 -19.53 -33.35 -5.58
C GLY A 817 -19.83 -32.45 -6.75
N ASN A 818 -19.21 -31.27 -6.76
CA ASN A 818 -19.23 -30.39 -7.91
C ASN A 818 -17.82 -30.04 -8.33
N ILE A 819 -17.42 -30.52 -9.50
CA ILE A 819 -16.09 -30.22 -10.04
C ILE A 819 -16.08 -28.79 -10.59
N ASP A 820 -17.22 -28.36 -11.13
CA ASP A 820 -17.48 -26.95 -11.41
C ASP A 820 -17.97 -26.27 -10.12
N ALA A 821 -18.48 -25.04 -10.21
CA ALA A 821 -18.88 -24.26 -9.03
C ALA A 821 -17.65 -23.95 -8.15
N PRO A 822 -17.42 -22.66 -7.84
CA PRO A 822 -16.16 -22.17 -7.29
C PRO A 822 -15.75 -22.72 -5.93
N GLN A 823 -14.48 -23.08 -5.81
CA GLN A 823 -13.91 -23.50 -4.53
C GLN A 823 -13.40 -22.27 -3.79
N VAL A 824 -13.53 -22.29 -2.47
CA VAL A 824 -12.87 -21.33 -1.60
C VAL A 824 -11.36 -21.63 -1.57
N VAL A 825 -10.55 -20.62 -1.86
CA VAL A 825 -9.10 -20.74 -1.80
C VAL A 825 -8.57 -20.35 -0.41
N GLU A 826 -7.87 -21.29 0.23
CA GLU A 826 -7.12 -21.04 1.45
C GLU A 826 -6.29 -19.76 1.37
N GLY A 827 -6.47 -18.88 2.36
CA GLY A 827 -5.69 -17.65 2.44
C GLY A 827 -6.29 -16.47 1.71
N GLU A 828 -7.36 -16.71 0.94
CA GLU A 828 -8.06 -15.64 0.24
C GLU A 828 -9.31 -15.19 1.00
N LYS A 829 -10.07 -14.25 0.44
CA LYS A 829 -11.20 -13.66 1.18
C LYS A 829 -12.56 -14.24 0.82
N VAL A 830 -13.42 -14.33 1.83
CA VAL A 830 -14.78 -14.81 1.65
C VAL A 830 -15.81 -13.78 2.09
N TYR A 831 -16.99 -13.84 1.47
CA TYR A 831 -18.21 -13.20 2.00
C TYR A 831 -18.83 -14.15 3.01
N VAL A 832 -19.47 -13.59 4.05
CA VAL A 832 -20.07 -14.38 5.13
C VAL A 832 -21.47 -13.84 5.45
N LEU A 833 -22.45 -14.74 5.48
CA LEU A 833 -23.80 -14.39 5.91
C LEU A 833 -24.28 -15.34 7.00
N PRO A 834 -25.02 -14.81 7.98
CA PRO A 834 -25.68 -15.69 8.96
C PRO A 834 -26.94 -16.31 8.36
N LEU A 835 -27.28 -17.50 8.85
CA LEU A 835 -28.48 -18.22 8.40
C LEU A 835 -29.43 -18.40 9.57
N ARG A 836 -30.74 -18.29 9.31
CA ARG A 836 -31.77 -18.50 10.33
C ARG A 836 -31.85 -19.95 10.82
N GLU A 837 -32.27 -20.09 12.07
CA GLU A 837 -32.53 -21.39 12.72
C GLU A 837 -33.31 -22.35 11.81
N GLY A 838 -32.79 -23.57 11.67
CA GLY A 838 -33.45 -24.62 10.88
C GLY A 838 -33.46 -24.39 9.38
N ASN A 839 -32.30 -24.09 8.83
CA ASN A 839 -32.13 -23.93 7.38
C ASN A 839 -31.67 -25.25 6.72
N PRO A 840 -31.79 -25.36 5.39
CA PRO A 840 -31.31 -26.55 4.70
C PRO A 840 -29.79 -26.78 4.80
N PHE A 841 -29.01 -25.74 5.04
CA PHE A 841 -27.55 -25.89 5.11
C PHE A 841 -27.04 -26.51 6.44
N GLY A 842 -27.94 -26.65 7.40
CA GLY A 842 -27.63 -27.30 8.68
C GLY A 842 -26.66 -26.58 9.61
N ASP A 843 -26.36 -25.32 9.31
CA ASP A 843 -25.49 -24.49 10.18
C ASP A 843 -25.85 -23.00 10.16
N LYS A 844 -25.20 -22.25 11.05
CA LYS A 844 -25.63 -20.91 11.39
C LYS A 844 -25.07 -19.81 10.47
N CYS A 845 -24.19 -20.19 9.55
CA CYS A 845 -23.62 -19.27 8.57
C CYS A 845 -23.09 -19.99 7.34
N ILE A 846 -22.93 -19.24 6.25
CA ILE A 846 -22.34 -19.76 5.02
C ILE A 846 -21.37 -18.70 4.45
N ALA A 847 -20.28 -19.15 3.87
CA ALA A 847 -19.30 -18.23 3.32
C ALA A 847 -19.00 -18.66 1.90
N TRP A 848 -18.60 -17.71 1.05
CA TRP A 848 -18.24 -18.04 -0.33
C TRP A 848 -17.18 -17.11 -0.86
N PRO A 849 -16.53 -17.43 -2.00
CA PRO A 849 -15.44 -16.55 -2.42
C PRO A 849 -15.90 -15.10 -2.59
N SER A 850 -15.10 -14.16 -2.06
CA SER A 850 -15.46 -12.73 -2.14
C SER A 850 -15.29 -12.18 -3.54
N GLY A 851 -15.99 -11.08 -3.83
CA GLY A 851 -15.99 -10.48 -5.16
C GLY A 851 -16.83 -11.24 -6.16
N THR A 852 -17.51 -12.28 -5.70
CA THR A 852 -18.30 -13.12 -6.59
C THR A 852 -19.72 -13.30 -6.10
N GLU A 853 -20.60 -13.56 -7.05
CA GLU A 853 -21.93 -14.06 -6.79
C GLU A 853 -21.84 -15.50 -6.28
N ILE A 854 -22.59 -15.85 -5.25
CA ILE A 854 -22.65 -17.25 -4.85
C ILE A 854 -23.27 -18.08 -5.99
N THR A 855 -22.66 -19.23 -6.27
CA THR A 855 -23.09 -20.16 -7.34
C THR A 855 -24.61 -20.42 -7.34
N ASP A 856 -25.21 -20.46 -8.53
CA ASP A 856 -26.67 -20.56 -8.66
C ASP A 856 -27.30 -21.78 -8.01
N LEU A 857 -26.51 -22.84 -7.84
CA LEU A 857 -26.95 -24.05 -7.12
C LEU A 857 -27.61 -23.73 -5.77
N ILE A 858 -27.00 -22.85 -4.99
CA ILE A 858 -27.48 -22.56 -3.64
C ILE A 858 -27.93 -21.12 -3.41
N LYS A 859 -27.77 -20.26 -4.42
CA LYS A 859 -28.05 -18.84 -4.25
C LYS A 859 -29.45 -18.58 -3.68
N ASP A 860 -30.46 -19.23 -4.25
CA ASP A 860 -31.84 -18.99 -3.88
C ASP A 860 -32.14 -19.46 -2.46
N ASP A 861 -31.49 -20.53 -2.04
CA ASP A 861 -31.63 -21.02 -0.67
C ASP A 861 -30.92 -20.12 0.34
N VAL A 862 -29.77 -19.59 -0.05
CA VAL A 862 -29.05 -18.62 0.79
C VAL A 862 -29.94 -17.38 1.01
N LEU A 863 -30.47 -16.82 -0.07
CA LEU A 863 -31.32 -15.61 -0.01
C LEU A 863 -32.58 -15.78 0.87
N HIS A 864 -33.16 -16.98 0.81
CA HIS A 864 -34.37 -17.29 1.56
C HIS A 864 -34.09 -17.49 3.03
N TRP A 865 -32.86 -17.89 3.36
CA TRP A 865 -32.49 -18.21 4.75
C TRP A 865 -31.54 -17.25 5.44
N MET A 866 -31.09 -16.22 4.70
CA MET A 866 -30.29 -15.10 5.27
C MET A 866 -30.93 -14.53 6.52
N ASP A 867 -30.16 -14.46 7.62
CA ASP A 867 -30.67 -13.88 8.88
C ASP A 867 -30.46 -12.37 8.96
N TYR A 868 -31.44 -11.61 8.48
CA TYR A 868 -31.35 -10.14 8.43
C TYR A 868 -31.24 -9.53 9.83
N THR A 869 -31.98 -10.11 10.78
CA THR A 869 -31.97 -9.66 12.16
C THR A 869 -30.57 -9.76 12.78
N VAL A 870 -29.92 -10.91 12.63
CA VAL A 870 -28.58 -11.11 13.19
C VAL A 870 -27.58 -10.18 12.47
N LEU A 871 -27.67 -10.16 11.15
CA LEU A 871 -26.83 -9.30 10.31
C LEU A 871 -26.87 -7.84 10.77
N LEU A 872 -28.08 -7.32 10.96
CA LEU A 872 -28.29 -5.95 11.43
C LEU A 872 -27.76 -5.69 12.85
N GLU A 873 -28.04 -6.58 13.79
CA GLU A 873 -27.52 -6.42 15.15
C GLU A 873 -26.00 -6.41 15.18
N LYS A 874 -25.37 -7.27 14.40
CA LYS A 874 -23.93 -7.49 14.53
C LYS A 874 -23.07 -6.47 13.79
N THR A 875 -23.50 -6.05 12.62
CA THR A 875 -22.70 -5.16 11.81
C THR A 875 -23.14 -3.69 11.90
N PHE A 876 -24.40 -3.46 12.25
CA PHE A 876 -24.89 -2.09 12.27
C PHE A 876 -25.22 -1.58 13.68
N ILE A 877 -26.16 -2.25 14.36
CA ILE A 877 -26.63 -1.76 15.67
C ILE A 877 -25.52 -1.77 16.74
N LYS A 878 -24.77 -2.86 16.87
CA LYS A 878 -23.73 -2.92 17.90
C LYS A 878 -22.63 -1.85 17.75
N PRO A 879 -22.07 -1.64 16.53
CA PRO A 879 -21.14 -0.49 16.38
C PRO A 879 -21.79 0.87 16.61
N LEU A 880 -22.98 1.09 16.07
CA LEU A 880 -23.70 2.35 16.31
C LEU A 880 -23.96 2.61 17.82
N GLU A 881 -24.36 1.58 18.57
CA GLU A 881 -24.50 1.67 20.02
C GLU A 881 -23.18 2.10 20.67
N GLY A 882 -22.08 1.52 20.19
CA GLY A 882 -20.75 1.97 20.59
C GLY A 882 -20.49 3.45 20.27
N PHE A 883 -20.78 3.88 19.04
CA PHE A 883 -20.59 5.30 18.67
C PHE A 883 -21.39 6.24 19.56
N THR A 884 -22.67 5.93 19.75
CA THR A 884 -23.59 6.86 20.37
C THR A 884 -23.46 6.92 21.89
N SER A 885 -23.11 5.81 22.53
CA SER A 885 -22.87 5.86 23.98
C SER A 885 -21.61 6.68 24.27
N ALA A 886 -20.55 6.47 23.51
CA ALA A 886 -19.36 7.30 23.61
C ALA A 886 -19.71 8.80 23.48
N ALA A 887 -20.55 9.14 22.50
CA ALA A 887 -20.89 10.54 22.21
C ALA A 887 -22.02 11.09 23.10
N LYS A 888 -22.53 10.24 23.99
CA LYS A 888 -23.64 10.58 24.91
C LYS A 888 -24.91 11.03 24.15
N LEU A 889 -25.26 10.24 23.15
CA LEU A 889 -26.42 10.44 22.29
C LEU A 889 -27.23 9.14 22.25
N ASP A 890 -28.49 9.24 21.86
CA ASP A 890 -29.32 8.06 21.60
C ASP A 890 -29.69 8.00 20.13
N TYR A 891 -29.58 6.82 19.54
CA TYR A 891 -29.97 6.61 18.15
C TYR A 891 -31.48 6.36 18.02
N GLU A 892 -32.15 6.15 19.16
CA GLU A 892 -33.62 6.07 19.25
C GLU A 892 -34.18 7.08 20.25
N LYS A 893 -35.17 7.84 19.82
CA LYS A 893 -35.82 8.84 20.68
C LYS A 893 -36.38 8.24 21.97
N LYS A 894 -36.04 8.84 23.10
CA LYS A 894 -36.56 8.39 24.40
C LYS A 894 -37.90 9.03 24.71
N ALA A 895 -38.65 8.40 25.62
CA ALA A 895 -39.93 8.93 26.08
C ALA A 895 -39.74 10.32 26.70
N SER A 896 -40.76 11.16 26.54
CA SER A 896 -40.78 12.46 27.19
C SER A 896 -42.21 12.77 27.61
N LEU A 897 -42.34 13.73 28.52
CA LEU A 897 -43.65 14.16 29.01
C LEU A 897 -44.51 14.79 27.91
N PHE A 898 -43.91 15.08 26.76
CA PHE A 898 -44.65 15.65 25.64
C PHE A 898 -45.53 14.64 24.91
N ASP A 899 -45.18 13.36 25.04
CA ASP A 899 -45.95 12.26 24.46
C ASP A 899 -47.33 12.09 25.12
N MET A 900 -47.85 13.17 25.71
CA MET A 900 -49.08 13.09 26.53
C MET A 900 -50.29 13.80 25.93
N PHE A 901 -50.09 14.50 24.81
CA PHE A 901 -51.15 15.35 24.25
C PHE A 901 -51.78 14.81 22.97
N1 DOC C 13 0.54 3.57 12.66
C2 DOC C 13 1.50 2.55 12.72
N3 DOC C 13 1.58 1.64 11.72
C4 DOC C 13 0.77 1.76 10.65
C5 DOC C 13 -0.19 2.81 10.54
C6 DOC C 13 -0.26 3.69 11.55
O2 DOC C 13 2.24 2.50 13.72
N4 DOC C 13 0.88 0.85 9.69
C1' DOC C 13 0.50 4.58 13.74
C2' DOC C 13 1.43 5.79 13.50
C3' DOC C 13 0.49 6.99 13.59
C4' DOC C 13 -0.66 6.41 14.40
O4' DOC C 13 -0.82 5.11 13.84
C5' DOC C 13 -1.93 7.23 14.48
O5' DOC C 13 -2.77 7.01 13.36
P DOC C 13 -4.32 7.36 13.39
OP1 DOC C 13 -4.78 8.16 14.57
OP2 DOC C 13 -4.57 7.88 12.02
PG DTP D . 3.89 12.13 8.02
O1G DTP D . 3.13 12.27 9.29
O2G DTP D . 4.98 13.17 7.87
O3G DTP D . 3.05 11.95 6.78
PB DTP D . 5.11 9.91 9.46
O1B DTP D . 6.32 9.05 9.14
O2B DTP D . 5.19 10.78 10.66
O3B DTP D . 4.83 10.80 8.13
PA DTP D . 2.65 8.65 10.58
O1A DTP D . 1.59 7.81 9.98
O2A DTP D . 2.29 9.96 11.26
O3A DTP D . 3.87 8.85 9.51
O5' DTP D . 3.36 7.67 11.67
C5' DTP D . 4.29 8.14 12.63
C4' DTP D . 5.34 7.06 12.80
O4' DTP D . 4.73 5.79 13.03
C3' DTP D . 6.15 6.85 11.54
O3' DTP D . 7.16 7.84 11.32
C2' DTP D . 6.69 5.44 11.79
C1' DTP D . 5.46 4.74 12.41
N9 DTP D . 4.70 4.14 11.28
C8 DTP D . 3.54 4.59 10.75
N7 DTP D . 3.15 3.82 9.71
C5 DTP D . 4.08 2.86 9.55
C6 DTP D . 4.27 1.71 8.63
N6 DTP D . 3.36 1.48 7.66
N1 DTP D . 5.36 0.94 8.81
C2 DTP D . 6.26 1.18 9.79
N3 DTP D . 6.14 2.21 10.67
C4 DTP D . 5.10 3.07 10.60
CA CA E . 3.46 12.09 11.49
CA CA F . 0.43 10.82 13.10
CA CA G . -18.30 30.74 -13.17
CA CA H . 2.05 17.23 8.65
CA CA I . -9.87 -14.42 -17.60
#